data_6MNO
#
_entry.id   6MNO
#
_cell.length_a   250.057
_cell.length_b   69.030
_cell.length_c   64.687
_cell.angle_alpha   90.000
_cell.angle_beta   91.510
_cell.angle_gamma   90.000
#
_symmetry.space_group_name_H-M   'C 1 2 1'
#
loop_
_entity.id
_entity.type
_entity.pdbx_description
1 polymer 'H-2 class II histocompatibility antigen, A-B alpha chain'
2 polymer 'Padi4 (92-105) peptide and MHC Class II I-Ab beta chain'
3 polymer '6235 TCR alpha chain'
4 polymer '6235 TCR beta chain'
#
loop_
_entity_poly.entity_id
_entity_poly.type
_entity_poly.pdbx_seq_one_letter_code
_entity_poly.pdbx_strand_id
1 'polypeptide(L)'
;IEADHVGTYGISVYQSPGDIGQYTFEFDGDELFYVDLDKKETVWMLPEFGQLASFDPQGGLQNIAVVKHNLGVLTKRSNS
TPATNEAPQATVFPKSPVLLGQPNTLICFVDNIFPPVINITWLRNSKSVADGVYETSFFVNRDYSFHKLSYLTFIPSDDD
IYDCKVEHWGLEEPVLKHW
;
C
2 'polypeptide(L)'
;RVSYYGPKTSPVQGGGGSLVPRGSGGGGSERHFVYQFMGECYFTNGTQRIRYVTRYIYNREEYVRYDSDVGEHRAVTELG
RPDAEYWNSQPEILERTRAELDTVCRHNYEGPETHTSLRRLEQPNVVISLSRTEALNHHNTLVCSVTDFYPAKIKVRWFR
NGQEETVGVSSTQLIRNGDWTFQVLVMLEMTPRRGEVYTCHVEHPSLKSPITVEWRA
;
D
3 'polypeptide(L)'
;MQQVRQSPQSLTVWEGETAILNCSYENSAFDYFPWYQQFPGEGPALLIAIRSVSDKKEDGRFTIFFNKREKKLSLHITDS
QPGDSATYFCAASETGANTGKLTFGHGTILRVHPNIQNPDPAVYQLRDSKSSDKSVCLFTDFDSQTNVSQSKDSDVYITD
KCVLDMRSMDFKSNSAVAWSNKSDFACANAFNNSIIPEDTFFPSPESS
;
A
4 'polypeptide(L)'
;AVTQSPRNKVAVTGGKVTLSCNQTNNHNNMYWYRQDTGHGLRLIHYSYGAGSTEKGDIPDGYKASRPSQENFSLILELAT
PSQTSVYFCASGDFWGDTLYFGAGTRLSVLEDLKNVFPPEVAVFEPSEAEISHTQKATLVCLATGFYPDHVELSWWVNGK
EVHSGVCTDPQPLKEQPALNDSRYALSSRLRVSATFWQNPRNHFRCQVQFYGLSENDEWTQDRAKPVTQIVSAEAWGRA
;
B
#
# COMPACT_ATOMS: atom_id res chain seq x y z
N ILE A 1 -1.07 -34.51 10.38
CA ILE A 1 0.29 -34.08 10.65
C ILE A 1 0.46 -33.88 12.15
N GLU A 2 1.30 -34.70 12.77
CA GLU A 2 1.50 -34.58 14.22
C GLU A 2 2.30 -33.32 14.54
N ALA A 3 1.96 -32.67 15.65
CA ALA A 3 2.63 -31.44 16.03
C ALA A 3 2.31 -31.12 17.49
N ASP A 4 3.04 -30.15 18.05
CA ASP A 4 2.80 -29.68 19.40
C ASP A 4 1.83 -28.51 19.43
N HIS A 5 2.02 -27.52 18.56
CA HIS A 5 1.07 -26.42 18.40
C HIS A 5 0.72 -26.27 16.93
N VAL A 6 -0.34 -25.53 16.66
CA VAL A 6 -0.80 -25.34 15.29
C VAL A 6 -1.30 -23.93 15.08
N GLY A 7 -0.48 -23.09 14.45
CA GLY A 7 -0.94 -21.80 13.97
C GLY A 7 -1.63 -21.98 12.63
N THR A 8 -2.85 -21.46 12.52
CA THR A 8 -3.68 -21.50 11.32
C THR A 8 -3.91 -20.05 10.89
N TYR A 9 -3.03 -19.56 10.04
CA TYR A 9 -2.87 -18.14 9.84
C TYR A 9 -3.48 -17.66 8.54
N GLY A 10 -4.16 -16.54 8.59
CA GLY A 10 -4.77 -16.01 7.40
C GLY A 10 -5.75 -16.95 6.74
N ILE A 11 -6.81 -17.28 7.45
CA ILE A 11 -7.93 -18.01 6.88
C ILE A 11 -8.80 -17.01 6.15
N SER A 12 -8.80 -17.08 4.82
CA SER A 12 -9.66 -16.26 3.97
C SER A 12 -10.78 -17.11 3.43
N VAL A 13 -12.02 -16.74 3.71
CA VAL A 13 -13.19 -17.45 3.24
C VAL A 13 -14.04 -16.46 2.46
N TYR A 14 -14.39 -16.81 1.24
CA TYR A 14 -15.25 -15.95 0.43
C TYR A 14 -16.32 -16.80 -0.23
N GLN A 15 -17.50 -16.23 -0.37
CA GLN A 15 -18.51 -16.88 -1.17
C GLN A 15 -19.41 -15.83 -1.78
N SER A 16 -19.86 -16.13 -2.98
CA SER A 16 -20.91 -15.40 -3.67
C SER A 16 -22.03 -16.39 -3.99
N PRO A 17 -23.25 -15.90 -4.22
CA PRO A 17 -23.70 -14.51 -4.18
C PRO A 17 -23.70 -13.98 -2.77
N GLY A 18 -23.80 -12.67 -2.61
CA GLY A 18 -23.84 -12.05 -1.30
C GLY A 18 -22.60 -11.30 -0.94
N ASP A 19 -21.47 -11.60 -1.58
CA ASP A 19 -20.18 -10.98 -1.27
C ASP A 19 -19.85 -11.14 0.22
N ILE A 20 -19.76 -12.41 0.62
CA ILE A 20 -19.63 -12.77 2.02
C ILE A 20 -18.22 -13.23 2.27
N GLY A 21 -17.46 -12.47 3.05
CA GLY A 21 -16.07 -12.78 3.29
C GLY A 21 -15.74 -12.75 4.77
N GLN A 22 -14.63 -13.40 5.09
CA GLN A 22 -14.21 -13.51 6.47
C GLN A 22 -12.73 -13.85 6.51
N TYR A 23 -12.00 -13.16 7.38
CA TYR A 23 -10.56 -13.33 7.47
C TYR A 23 -10.20 -13.46 8.94
N THR A 24 -9.59 -14.59 9.32
CA THR A 24 -9.35 -14.84 10.72
C THR A 24 -7.95 -15.42 10.90
N PHE A 25 -7.39 -15.27 12.10
CA PHE A 25 -6.22 -16.02 12.53
C PHE A 25 -6.62 -16.98 13.64
N GLU A 26 -5.85 -18.05 13.82
CA GLU A 26 -6.19 -19.06 14.80
C GLU A 26 -4.92 -19.65 15.40
N PHE A 27 -5.00 -20.06 16.66
CA PHE A 27 -3.88 -20.75 17.28
C PHE A 27 -4.39 -21.84 18.20
N ASP A 28 -3.90 -23.07 17.98
CA ASP A 28 -4.29 -24.22 18.76
C ASP A 28 -5.80 -24.31 18.90
N GLY A 29 -6.49 -24.02 17.81
CA GLY A 29 -7.93 -24.16 17.76
C GLY A 29 -8.69 -22.96 18.25
N ASP A 30 -8.03 -21.97 18.79
CA ASP A 30 -8.68 -20.81 19.37
C ASP A 30 -8.49 -19.60 18.47
N GLU A 31 -9.54 -18.79 18.35
CA GLU A 31 -9.50 -17.63 17.47
C GLU A 31 -8.64 -16.54 18.06
N LEU A 32 -7.59 -16.15 17.35
CA LEU A 32 -6.81 -14.99 17.78
C LEU A 32 -7.59 -13.71 17.53
N PHE A 33 -8.10 -13.54 16.32
CA PHE A 33 -8.80 -12.35 15.91
C PHE A 33 -9.42 -12.60 14.56
N TYR A 34 -10.36 -11.74 14.18
CA TYR A 34 -10.80 -11.62 12.80
C TYR A 34 -10.57 -10.19 12.33
N VAL A 35 -10.59 -9.99 11.02
CA VAL A 35 -10.61 -8.64 10.46
C VAL A 35 -12.03 -8.33 10.04
N ASP A 36 -12.57 -7.24 10.57
CA ASP A 36 -13.89 -6.74 10.22
C ASP A 36 -13.78 -6.02 8.90
N LEU A 37 -14.48 -6.53 7.89
CA LEU A 37 -14.31 -6.06 6.52
C LEU A 37 -15.09 -4.80 6.23
N ASP A 38 -16.10 -4.47 7.02
CA ASP A 38 -16.81 -3.22 6.84
C ASP A 38 -16.11 -2.08 7.56
N LYS A 39 -16.01 -2.15 8.87
CA LYS A 39 -15.26 -1.15 9.60
C LYS A 39 -13.76 -1.31 9.44
N LYS A 40 -13.30 -2.32 8.70
CA LYS A 40 -11.89 -2.46 8.33
C LYS A 40 -10.98 -2.39 9.55
N GLU A 41 -11.20 -3.33 10.46
CA GLU A 41 -10.62 -3.20 11.78
C GLU A 41 -10.24 -4.59 12.28
N THR A 42 -9.04 -4.72 12.81
CA THR A 42 -8.69 -5.96 13.50
C THR A 42 -9.46 -6.06 14.80
N VAL A 43 -10.30 -7.07 14.93
CA VAL A 43 -11.09 -7.31 16.14
C VAL A 43 -10.52 -8.56 16.82
N TRP A 44 -9.93 -8.38 18.00
CA TRP A 44 -9.33 -9.49 18.73
C TRP A 44 -10.35 -10.18 19.61
N MET A 45 -10.21 -11.50 19.71
CA MET A 45 -11.01 -12.28 20.65
C MET A 45 -10.73 -11.85 22.08
N LEU A 46 -9.46 -11.81 22.46
CA LEU A 46 -9.04 -11.38 23.78
C LEU A 46 -8.47 -9.98 23.69
N PRO A 47 -9.20 -8.96 24.11
CA PRO A 47 -8.66 -7.60 24.11
C PRO A 47 -7.24 -7.50 24.60
N GLU A 48 -6.88 -8.30 25.58
CA GLU A 48 -5.54 -8.26 26.12
C GLU A 48 -4.50 -8.71 25.11
N PHE A 49 -4.91 -9.36 24.03
CA PHE A 49 -3.93 -9.67 23.00
C PHE A 49 -3.73 -8.48 22.08
N GLY A 50 -4.82 -7.75 21.82
CA GLY A 50 -4.74 -6.47 21.14
C GLY A 50 -3.83 -5.48 21.82
N GLN A 51 -3.40 -5.78 23.02
CA GLN A 51 -2.49 -4.90 23.73
C GLN A 51 -1.06 -5.42 23.75
N LEU A 52 -0.83 -6.65 23.29
CA LEU A 52 0.50 -7.22 23.27
C LEU A 52 0.98 -7.61 21.89
N ALA A 53 0.11 -7.56 20.88
CA ALA A 53 0.52 -7.75 19.50
C ALA A 53 -0.45 -7.00 18.61
N SER A 54 -0.12 -6.93 17.32
CA SER A 54 -1.03 -6.29 16.39
C SER A 54 -1.02 -6.99 15.05
N PHE A 55 -2.03 -6.69 14.26
CA PHE A 55 -2.14 -7.13 12.89
C PHE A 55 -2.76 -5.99 12.10
N ASP A 56 -2.12 -5.61 11.02
CA ASP A 56 -2.62 -4.58 10.12
C ASP A 56 -3.78 -5.08 9.29
N PRO A 57 -5.00 -4.57 9.48
CA PRO A 57 -6.18 -5.19 8.85
C PRO A 57 -6.19 -5.11 7.35
N GLN A 58 -5.21 -4.50 6.72
CA GLN A 58 -5.21 -4.36 5.28
C GLN A 58 -4.63 -5.58 4.58
N GLY A 59 -3.75 -6.31 5.25
CA GLY A 59 -3.41 -7.63 4.77
C GLY A 59 -4.63 -8.50 4.62
N GLY A 60 -5.62 -8.29 5.47
CA GLY A 60 -6.86 -9.04 5.34
C GLY A 60 -7.65 -8.61 4.12
N LEU A 61 -7.81 -7.31 3.93
CA LEU A 61 -8.59 -6.83 2.81
C LEU A 61 -7.96 -7.22 1.47
N GLN A 62 -6.63 -7.19 1.37
CA GLN A 62 -6.04 -7.63 0.11
C GLN A 62 -6.13 -9.14 -0.07
N ASN A 63 -6.06 -9.91 1.01
CA ASN A 63 -6.24 -11.34 0.88
C ASN A 63 -7.69 -11.71 0.57
N ILE A 64 -8.64 -10.92 1.03
CA ILE A 64 -10.04 -11.17 0.69
C ILE A 64 -10.27 -10.79 -0.75
N ALA A 65 -9.58 -9.77 -1.27
CA ALA A 65 -9.69 -9.44 -2.68
C ALA A 65 -9.14 -10.56 -3.55
N VAL A 66 -7.95 -11.06 -3.20
CA VAL A 66 -7.40 -12.20 -3.92
C VAL A 66 -8.38 -13.35 -3.94
N VAL A 67 -9.03 -13.60 -2.81
CA VAL A 67 -9.83 -14.81 -2.69
C VAL A 67 -11.16 -14.66 -3.42
N LYS A 68 -11.78 -13.49 -3.38
CA LYS A 68 -12.93 -13.22 -4.25
C LYS A 68 -12.58 -13.49 -5.71
N HIS A 69 -11.46 -12.92 -6.16
CA HIS A 69 -10.95 -13.16 -7.51
C HIS A 69 -10.90 -14.66 -7.84
N ASN A 70 -10.19 -15.42 -7.02
CA ASN A 70 -10.09 -16.85 -7.26
C ASN A 70 -11.46 -17.51 -7.25
N LEU A 71 -12.41 -16.95 -6.52
CA LEU A 71 -13.73 -17.56 -6.52
C LEU A 71 -14.40 -17.37 -7.86
N GLY A 72 -14.26 -16.19 -8.45
CA GLY A 72 -14.75 -16.00 -9.81
C GLY A 72 -14.14 -16.97 -10.80
N VAL A 73 -12.81 -17.06 -10.81
CA VAL A 73 -12.18 -17.92 -11.80
C VAL A 73 -12.64 -19.35 -11.63
N LEU A 74 -12.59 -19.88 -10.40
CA LEU A 74 -12.91 -21.29 -10.20
C LEU A 74 -14.40 -21.58 -10.36
N THR A 75 -15.26 -20.65 -9.97
CA THR A 75 -16.65 -20.73 -10.39
C THR A 75 -16.73 -21.06 -11.87
N LYS A 76 -16.00 -20.31 -12.69
CA LYS A 76 -16.09 -20.51 -14.13
C LYS A 76 -15.40 -21.80 -14.57
N ARG A 77 -14.28 -22.13 -13.95
CA ARG A 77 -13.50 -23.28 -14.39
C ARG A 77 -14.33 -24.56 -14.34
N SER A 78 -15.01 -24.79 -13.23
CA SER A 78 -15.82 -25.98 -13.04
C SER A 78 -17.20 -25.87 -13.67
N ASN A 79 -17.47 -24.85 -14.48
CA ASN A 79 -18.76 -24.68 -15.16
C ASN A 79 -19.88 -24.42 -14.16
N SER A 80 -19.62 -23.56 -13.18
CA SER A 80 -20.65 -23.15 -12.22
C SER A 80 -21.23 -24.33 -11.44
N THR A 81 -20.36 -25.25 -11.03
CA THR A 81 -20.79 -26.30 -10.12
C THR A 81 -21.12 -25.68 -8.78
N PRO A 82 -22.29 -25.93 -8.22
CA PRO A 82 -22.70 -25.27 -6.97
C PRO A 82 -22.29 -26.09 -5.75
N ALA A 83 -22.29 -25.40 -4.61
CA ALA A 83 -21.93 -26.01 -3.35
C ALA A 83 -23.09 -26.82 -2.79
N THR A 84 -22.76 -27.98 -2.23
CA THR A 84 -23.75 -28.85 -1.61
C THR A 84 -23.88 -28.49 -0.13
N ASN A 85 -25.11 -28.52 0.37
CA ASN A 85 -25.41 -28.07 1.72
C ASN A 85 -25.20 -29.19 2.73
N GLU A 86 -25.22 -28.82 4.01
CA GLU A 86 -24.96 -29.76 5.09
C GLU A 86 -25.91 -29.51 6.25
N ALA A 87 -26.15 -30.57 7.02
CA ALA A 87 -27.00 -30.47 8.20
C ALA A 87 -26.13 -30.19 9.41
N PRO A 88 -26.20 -29.00 10.00
CA PRO A 88 -25.36 -28.68 11.15
C PRO A 88 -25.97 -29.21 12.44
N GLN A 89 -25.11 -29.49 13.40
CA GLN A 89 -25.51 -30.04 14.69
C GLN A 89 -25.11 -29.09 15.79
N ALA A 90 -26.03 -28.75 16.68
CA ALA A 90 -25.75 -27.90 17.83
C ALA A 90 -25.48 -28.76 19.08
N THR A 91 -25.08 -28.08 20.15
CA THR A 91 -24.85 -28.70 21.45
C THR A 91 -24.80 -27.59 22.47
N VAL A 92 -25.70 -27.60 23.45
CA VAL A 92 -25.89 -26.48 24.37
C VAL A 92 -25.33 -26.84 25.74
N PHE A 93 -24.51 -25.96 26.29
CA PHE A 93 -23.93 -26.25 27.60
C PHE A 93 -23.60 -24.94 28.30
N PRO A 94 -23.46 -24.93 29.63
CA PRO A 94 -23.13 -23.68 30.31
C PRO A 94 -21.64 -23.44 30.44
N LYS A 95 -21.25 -22.17 30.57
CA LYS A 95 -19.84 -21.79 30.65
C LYS A 95 -19.26 -22.12 32.01
N SER A 96 -20.01 -21.86 33.08
CA SER A 96 -19.62 -22.16 34.44
C SER A 96 -20.67 -23.06 35.05
N PRO A 97 -20.39 -23.65 36.22
CA PRO A 97 -21.43 -24.45 36.88
C PRO A 97 -22.71 -23.67 37.14
N VAL A 98 -23.83 -24.24 36.71
CA VAL A 98 -25.11 -23.55 36.74
C VAL A 98 -25.59 -23.39 38.18
N LEU A 99 -25.44 -22.20 38.73
CA LEU A 99 -25.94 -21.86 40.06
C LEU A 99 -27.14 -20.95 39.90
N LEU A 100 -28.32 -21.48 40.20
CA LEU A 100 -29.53 -20.68 40.14
C LEU A 100 -29.33 -19.40 40.92
N GLY A 101 -29.55 -18.26 40.26
CA GLY A 101 -29.33 -16.98 40.90
C GLY A 101 -28.11 -16.23 40.40
N GLN A 102 -26.96 -16.91 40.30
CA GLN A 102 -25.71 -16.25 39.91
C GLN A 102 -25.61 -16.13 38.39
N PRO A 103 -24.90 -15.11 37.89
CA PRO A 103 -24.88 -14.87 36.44
C PRO A 103 -23.94 -15.83 35.70
N ASN A 104 -24.39 -16.27 34.53
CA ASN A 104 -23.65 -17.27 33.78
C ASN A 104 -23.80 -17.01 32.30
N THR A 105 -23.00 -17.71 31.52
CA THR A 105 -23.08 -17.68 30.06
C THR A 105 -23.52 -19.05 29.59
N LEU A 106 -24.27 -19.07 28.50
CA LEU A 106 -24.83 -20.30 27.95
C LEU A 106 -24.39 -20.44 26.49
N ILE A 107 -23.66 -21.50 26.20
CA ILE A 107 -22.89 -21.68 24.98
C ILE A 107 -23.61 -22.65 24.06
N CYS A 108 -23.95 -22.20 22.86
CA CYS A 108 -24.46 -23.08 21.81
C CYS A 108 -23.35 -23.32 20.81
N PHE A 109 -23.00 -24.57 20.58
CA PHE A 109 -21.88 -24.94 19.73
C PHE A 109 -22.44 -25.68 18.52
N VAL A 110 -22.37 -25.06 17.35
CA VAL A 110 -22.88 -25.63 16.12
C VAL A 110 -21.69 -26.07 15.28
N ASP A 111 -21.83 -27.20 14.61
CA ASP A 111 -20.76 -27.78 13.82
C ASP A 111 -21.37 -28.36 12.55
N ASN A 112 -20.50 -28.91 11.71
CA ASN A 112 -20.83 -29.32 10.34
C ASN A 112 -21.59 -28.22 9.59
N ILE A 113 -21.02 -27.03 9.61
CA ILE A 113 -21.57 -25.89 8.90
C ILE A 113 -20.90 -25.79 7.55
N PHE A 114 -21.70 -25.76 6.49
CA PHE A 114 -21.25 -25.51 5.12
C PHE A 114 -22.45 -25.39 4.21
N PRO A 115 -22.59 -24.25 3.53
CA PRO A 115 -21.70 -23.08 3.55
C PRO A 115 -21.83 -22.24 4.83
N PRO A 116 -20.86 -21.38 5.07
CA PRO A 116 -20.91 -20.54 6.27
C PRO A 116 -21.97 -19.46 6.22
N VAL A 117 -23.24 -19.84 6.22
CA VAL A 117 -24.33 -18.90 6.42
C VAL A 117 -25.35 -19.58 7.30
N ILE A 118 -25.49 -19.10 8.54
CA ILE A 118 -26.43 -19.66 9.50
C ILE A 118 -27.06 -18.52 10.26
N ASN A 119 -28.32 -18.72 10.66
CA ASN A 119 -28.96 -17.91 11.69
C ASN A 119 -29.02 -18.74 12.96
N ILE A 120 -28.54 -18.16 14.06
CA ILE A 120 -28.49 -18.83 15.36
C ILE A 120 -29.11 -17.90 16.38
N THR A 121 -30.25 -18.29 16.93
CA THR A 121 -30.96 -17.42 17.83
C THR A 121 -31.29 -18.20 19.10
N TRP A 122 -31.98 -17.56 20.04
CA TRP A 122 -32.52 -18.26 21.21
C TRP A 122 -34.01 -18.02 21.36
N ASN A 125 -37.19 -20.30 26.43
CA ASN A 125 -38.34 -19.60 26.98
C ASN A 125 -39.50 -19.60 26.00
N SER A 126 -39.27 -20.19 24.83
CA SER A 126 -40.21 -20.18 23.71
C SER A 126 -40.56 -18.76 23.29
N LYS A 127 -39.68 -17.81 23.59
CA LYS A 127 -39.75 -16.46 23.06
C LYS A 127 -38.34 -16.01 22.73
N SER A 128 -38.21 -15.26 21.64
CA SER A 128 -36.89 -14.89 21.13
C SER A 128 -36.18 -13.96 22.10
N VAL A 129 -34.85 -14.09 22.15
CA VAL A 129 -34.03 -13.26 23.02
C VAL A 129 -32.88 -12.67 22.22
N ALA A 130 -32.62 -11.37 22.41
CA ALA A 130 -31.42 -10.69 21.92
C ALA A 130 -30.86 -9.84 23.06
N ASP A 131 -30.26 -10.51 24.05
CA ASP A 131 -29.73 -9.84 25.23
C ASP A 131 -28.22 -9.89 25.27
N GLY A 132 -27.69 -10.94 25.88
CA GLY A 132 -26.25 -11.12 25.93
C GLY A 132 -25.82 -12.12 24.87
N VAL A 133 -26.20 -11.85 23.63
CA VAL A 133 -25.85 -12.75 22.53
C VAL A 133 -24.54 -12.28 21.92
N TYR A 134 -23.51 -13.10 22.03
CA TYR A 134 -22.27 -12.92 21.30
C TYR A 134 -22.07 -14.15 20.45
N GLU A 135 -21.88 -13.95 19.15
CA GLU A 135 -21.49 -15.02 18.24
C GLU A 135 -20.00 -14.91 17.97
N THR A 136 -19.41 -16.03 17.61
CA THR A 136 -18.00 -16.13 17.31
C THR A 136 -17.82 -16.09 15.80
N SER A 137 -16.57 -16.17 15.33
CA SER A 137 -16.40 -16.32 13.88
C SER A 137 -16.59 -17.79 13.48
N PHE A 138 -16.63 -18.04 12.19
CA PHE A 138 -16.63 -19.41 11.73
C PHE A 138 -15.25 -20.01 11.94
N PHE A 139 -15.21 -21.21 12.51
CA PHE A 139 -13.94 -21.88 12.72
C PHE A 139 -13.72 -22.92 11.64
N VAL A 140 -12.48 -23.30 11.46
CA VAL A 140 -12.14 -24.22 10.38
C VAL A 140 -12.10 -25.63 10.92
N ASN A 141 -12.69 -26.56 10.19
CA ASN A 141 -12.66 -27.98 10.48
C ASN A 141 -11.74 -28.70 9.50
N ARG A 142 -11.24 -29.85 9.92
CA ARG A 142 -10.29 -30.58 9.08
C ARG A 142 -10.91 -31.04 7.79
N ASP A 143 -12.23 -31.03 7.69
CA ASP A 143 -12.94 -31.41 6.47
C ASP A 143 -13.52 -30.21 5.75
N TYR A 144 -13.11 -29.00 6.12
CA TYR A 144 -13.48 -27.77 5.44
C TYR A 144 -14.96 -27.45 5.55
N SER A 145 -15.57 -27.91 6.63
CA SER A 145 -16.81 -27.36 7.13
C SER A 145 -16.47 -26.42 8.27
N PHE A 146 -17.47 -25.80 8.85
CA PHE A 146 -17.23 -24.77 9.84
C PHE A 146 -18.00 -25.06 11.12
N HIS A 147 -17.52 -24.52 12.23
CA HIS A 147 -18.28 -24.54 13.46
C HIS A 147 -18.28 -23.16 14.09
N LYS A 148 -19.40 -22.81 14.68
CA LYS A 148 -19.64 -21.49 15.22
C LYS A 148 -20.24 -21.65 16.61
N LEU A 149 -19.82 -20.79 17.52
CA LEU A 149 -20.31 -20.77 18.89
C LEU A 149 -21.08 -19.48 19.13
N SER A 150 -22.32 -19.61 19.57
CA SER A 150 -23.10 -18.48 20.03
C SER A 150 -23.14 -18.48 21.55
N TYR A 151 -23.16 -17.30 22.14
CA TYR A 151 -23.18 -17.17 23.59
C TYR A 151 -24.40 -16.36 24.03
N LEU A 152 -25.00 -16.76 25.14
CA LEU A 152 -26.14 -16.04 25.69
C LEU A 152 -25.93 -15.85 27.19
N THR A 153 -25.68 -14.63 27.62
CA THR A 153 -25.64 -14.37 29.06
C THR A 153 -27.05 -14.41 29.60
N PHE A 154 -27.24 -15.13 30.70
CA PHE A 154 -28.57 -15.28 31.29
C PHE A 154 -28.43 -15.33 32.80
N ILE A 155 -29.55 -15.00 33.46
CA ILE A 155 -29.68 -15.11 34.91
C ILE A 155 -30.53 -16.34 35.19
N PRO A 156 -29.94 -17.45 35.62
CA PRO A 156 -30.69 -18.71 35.65
C PRO A 156 -31.82 -18.68 36.65
N SER A 157 -32.93 -19.33 36.29
CA SER A 157 -34.15 -19.30 37.08
C SER A 157 -35.10 -20.34 36.53
N ASP A 158 -35.81 -21.03 37.41
CA ASP A 158 -36.72 -22.09 36.99
C ASP A 158 -38.11 -21.53 36.77
N TYR A 162 -34.72 -22.66 27.68
CA TYR A 162 -34.08 -22.14 26.47
C TYR A 162 -33.98 -23.19 25.40
N ASP A 163 -34.11 -22.75 24.15
CA ASP A 163 -33.77 -23.56 23.00
C ASP A 163 -32.84 -22.76 22.11
N CYS A 164 -31.75 -23.39 21.67
CA CYS A 164 -30.93 -22.86 20.59
C CYS A 164 -31.61 -23.21 19.28
N LYS A 165 -31.91 -22.19 18.47
CA LYS A 165 -32.61 -22.37 17.20
C LYS A 165 -31.63 -22.13 16.06
N VAL A 166 -31.38 -23.18 15.28
CA VAL A 166 -30.50 -23.14 14.13
C VAL A 166 -31.37 -23.11 12.89
N GLU A 167 -31.14 -22.11 12.03
CA GLU A 167 -31.80 -21.97 10.72
C GLU A 167 -30.71 -21.95 9.66
N HIS A 168 -30.67 -22.98 8.83
CA HIS A 168 -29.65 -23.15 7.79
C HIS A 168 -30.35 -23.56 6.51
N TRP A 169 -29.57 -23.92 5.50
CA TRP A 169 -30.12 -24.43 4.24
C TRP A 169 -30.16 -25.94 4.21
N GLY A 170 -29.14 -26.61 4.73
CA GLY A 170 -29.09 -28.06 4.71
C GLY A 170 -29.97 -28.67 5.78
N LEU A 171 -30.86 -27.84 6.33
CA LEU A 171 -31.84 -28.25 7.33
C LEU A 171 -33.23 -28.09 6.73
N GLU A 172 -33.95 -29.21 6.59
CA GLU A 172 -35.31 -29.15 6.08
C GLU A 172 -36.18 -28.23 6.94
N GLU A 173 -36.07 -28.36 8.25
CA GLU A 173 -36.79 -27.54 9.22
C GLU A 173 -35.80 -27.01 10.25
N PRO A 174 -36.01 -25.79 10.76
CA PRO A 174 -35.07 -25.25 11.75
C PRO A 174 -35.05 -26.11 13.01
N VAL A 175 -33.86 -26.41 13.51
CA VAL A 175 -33.75 -27.37 14.61
C VAL A 175 -33.51 -26.64 15.91
N LEU A 176 -34.10 -27.18 16.99
CA LEU A 176 -33.98 -26.64 18.33
C LEU A 176 -33.23 -27.62 19.20
N LYS A 177 -32.31 -27.12 20.02
CA LYS A 177 -31.71 -27.90 21.09
C LYS A 177 -32.13 -27.28 22.41
N HIS A 178 -32.66 -28.09 23.32
CA HIS A 178 -33.33 -27.58 24.50
C HIS A 178 -32.37 -27.45 25.68
N TRP A 179 -32.79 -26.66 26.66
CA TRP A 179 -32.08 -26.50 27.93
C TRP A 179 -33.04 -26.62 29.10
N ARG B 1 5.41 -2.60 17.61
CA ARG B 1 5.50 -3.70 18.56
C ARG B 1 5.86 -4.99 17.82
N VAL B 2 5.22 -6.09 18.20
CA VAL B 2 5.43 -7.40 17.58
C VAL B 2 4.16 -7.75 16.82
N SER B 3 4.32 -8.30 15.62
CA SER B 3 3.29 -8.22 14.59
C SER B 3 2.97 -9.58 14.01
N TYR B 4 1.70 -9.81 13.74
CA TYR B 4 1.28 -11.00 13.03
C TYR B 4 1.41 -10.78 11.52
N TYR B 5 1.98 -11.75 10.83
CA TYR B 5 2.07 -11.75 9.40
C TYR B 5 1.30 -12.94 8.87
N GLY B 6 0.37 -12.69 7.95
CA GLY B 6 -0.37 -13.74 7.29
C GLY B 6 0.28 -14.17 6.01
N PRO B 7 0.00 -15.37 5.55
CA PRO B 7 0.48 -15.77 4.23
C PRO B 7 -0.14 -14.90 3.15
N LYS B 8 0.40 -14.99 1.94
CA LYS B 8 -0.16 -14.28 0.80
C LYS B 8 -0.85 -15.29 -0.11
N THR B 9 -2.14 -15.10 -0.32
CA THR B 9 -2.87 -16.02 -1.17
C THR B 9 -2.45 -15.83 -2.61
N SER B 10 -1.91 -16.86 -3.21
CA SER B 10 -1.58 -16.82 -4.61
C SER B 10 -2.86 -16.60 -5.43
N PRO B 11 -2.89 -15.65 -6.36
CA PRO B 11 -4.05 -15.51 -7.22
C PRO B 11 -3.94 -16.39 -8.47
N VAL B 12 -5.09 -16.63 -9.06
CA VAL B 12 -5.20 -17.49 -10.23
C VAL B 12 -5.55 -16.64 -11.43
N GLN B 13 -5.24 -17.15 -12.61
CA GLN B 13 -5.63 -16.51 -13.86
C GLN B 13 -6.83 -17.19 -14.52
N GLU B 30 -31.08 -19.90 -4.67
CA GLU B 30 -30.13 -19.80 -5.77
C GLU B 30 -28.99 -20.80 -5.59
N ARG B 31 -27.99 -20.73 -6.46
CA ARG B 31 -26.80 -21.56 -6.37
C ARG B 31 -25.71 -20.78 -5.66
N HIS B 32 -24.96 -21.46 -4.79
CA HIS B 32 -23.95 -20.82 -3.97
C HIS B 32 -22.62 -21.52 -4.19
N PHE B 33 -21.53 -20.74 -4.13
CA PHE B 33 -20.19 -21.24 -4.37
C PHE B 33 -19.25 -20.63 -3.34
N VAL B 34 -18.29 -21.42 -2.87
CA VAL B 34 -17.50 -21.07 -1.69
C VAL B 34 -16.02 -21.26 -2.01
N TYR B 35 -15.21 -20.26 -1.67
CA TYR B 35 -13.76 -20.35 -1.74
C TYR B 35 -13.20 -20.23 -0.34
N GLN B 36 -12.07 -20.86 -0.10
CA GLN B 36 -11.46 -20.84 1.22
C GLN B 36 -9.98 -21.11 1.09
N PHE B 37 -9.17 -20.42 1.88
CA PHE B 37 -7.72 -20.62 1.83
C PHE B 37 -7.19 -20.54 3.25
N MET B 38 -6.10 -21.26 3.51
CA MET B 38 -5.50 -21.17 4.83
C MET B 38 -4.04 -21.54 4.79
N GLY B 39 -3.32 -21.09 5.80
CA GLY B 39 -1.93 -21.45 5.99
C GLY B 39 -1.78 -22.12 7.33
N GLU B 40 -1.42 -23.39 7.30
CA GLU B 40 -1.28 -24.19 8.50
C GLU B 40 0.20 -24.26 8.79
N CYS B 41 0.62 -23.65 9.88
CA CYS B 41 1.95 -23.83 10.43
C CYS B 41 1.89 -24.89 11.51
N TYR B 42 2.87 -25.80 11.52
CA TYR B 42 2.93 -26.95 12.40
C TYR B 42 4.24 -26.91 13.16
N PHE B 43 4.20 -26.54 14.43
CA PHE B 43 5.40 -26.42 15.24
C PHE B 43 5.55 -27.63 16.14
N THR B 44 6.72 -28.27 16.10
CA THR B 44 7.05 -29.29 17.08
C THR B 44 8.39 -28.95 17.72
N ASN B 45 8.39 -28.92 19.05
CA ASN B 45 9.49 -28.44 19.87
C ASN B 45 9.79 -26.98 19.55
N GLY B 46 8.77 -26.14 19.73
CA GLY B 46 8.91 -24.73 19.43
C GLY B 46 9.13 -24.53 17.95
N THR B 47 10.28 -23.97 17.58
CA THR B 47 10.64 -23.77 16.18
C THR B 47 11.64 -24.80 15.69
N GLN B 48 11.77 -25.93 16.38
CA GLN B 48 12.75 -26.92 15.95
C GLN B 48 12.32 -27.59 14.66
N ARG B 49 11.07 -28.06 14.60
CA ARG B 49 10.57 -28.67 13.37
C ARG B 49 9.27 -27.97 12.98
N ILE B 50 9.38 -27.03 12.05
CA ILE B 50 8.25 -26.31 11.48
C ILE B 50 7.85 -27.01 10.19
N ARG B 51 6.55 -27.10 9.96
CA ARG B 51 6.02 -27.57 8.70
C ARG B 51 4.96 -26.59 8.24
N TYR B 52 4.91 -26.31 6.95
CA TYR B 52 4.06 -25.24 6.45
C TYR B 52 3.26 -25.76 5.27
N VAL B 53 1.93 -25.68 5.38
CA VAL B 53 1.04 -26.24 4.38
C VAL B 53 -0.07 -25.23 4.09
N THR B 54 -0.15 -24.75 2.86
CA THR B 54 -1.21 -23.83 2.49
C THR B 54 -2.20 -24.56 1.61
N ARG B 55 -3.49 -24.31 1.83
CA ARG B 55 -4.53 -25.06 1.14
C ARG B 55 -5.52 -24.11 0.52
N TYR B 56 -5.88 -24.38 -0.73
CA TYR B 56 -6.95 -23.69 -1.44
C TYR B 56 -8.09 -24.65 -1.63
N ILE B 57 -9.31 -24.20 -1.37
CA ILE B 57 -10.47 -25.07 -1.27
C ILE B 57 -11.64 -24.40 -1.99
N TYR B 58 -12.23 -25.12 -2.93
CA TYR B 58 -13.42 -24.65 -3.62
C TYR B 58 -14.55 -25.62 -3.27
N ASN B 59 -15.63 -25.09 -2.75
CA ASN B 59 -16.80 -25.92 -2.41
C ASN B 59 -16.43 -27.10 -1.53
N ARG B 60 -15.60 -26.84 -0.53
CA ARG B 60 -15.24 -27.81 0.51
C ARG B 60 -14.27 -28.86 0.02
N GLU B 61 -14.11 -29.03 -1.28
CA GLU B 61 -13.12 -29.95 -1.81
C GLU B 61 -11.81 -29.20 -2.00
N GLU B 62 -10.78 -29.60 -1.26
CA GLU B 62 -9.45 -29.04 -1.45
C GLU B 62 -8.94 -29.39 -2.83
N TYR B 63 -8.43 -28.40 -3.55
CA TYR B 63 -8.02 -28.62 -4.92
C TYR B 63 -6.55 -28.29 -5.20
N VAL B 64 -5.93 -27.41 -4.43
CA VAL B 64 -4.52 -27.10 -4.63
C VAL B 64 -3.87 -26.95 -3.27
N ARG B 65 -2.64 -27.43 -3.15
CA ARG B 65 -1.96 -27.40 -1.88
C ARG B 65 -0.48 -27.12 -2.08
N TYR B 66 0.10 -26.35 -1.16
CA TYR B 66 1.53 -26.32 -0.95
C TYR B 66 1.85 -27.08 0.32
N ASP B 67 2.96 -27.81 0.30
CA ASP B 67 3.43 -28.54 1.48
C ASP B 67 4.92 -28.33 1.56
N SER B 68 5.39 -27.81 2.68
CA SER B 68 6.81 -27.49 2.79
C SER B 68 7.69 -28.73 2.72
N ASP B 69 7.12 -29.92 2.92
CA ASP B 69 7.88 -31.14 2.74
C ASP B 69 8.04 -31.50 1.27
N VAL B 70 7.08 -31.13 0.44
CA VAL B 70 7.19 -31.33 -1.00
C VAL B 70 8.08 -30.27 -1.63
N GLY B 71 7.98 -29.03 -1.16
CA GLY B 71 8.80 -27.97 -1.68
C GLY B 71 8.24 -27.26 -2.89
N GLU B 72 6.98 -27.50 -3.25
CA GLU B 72 6.42 -26.98 -4.49
C GLU B 72 4.92 -27.27 -4.50
N HIS B 73 4.17 -26.47 -5.25
CA HIS B 73 2.73 -26.67 -5.35
C HIS B 73 2.42 -28.02 -5.98
N ARG B 74 1.36 -28.66 -5.49
CA ARG B 74 0.76 -29.81 -6.16
C ARG B 74 -0.75 -29.63 -6.17
N ALA B 75 -1.41 -30.35 -7.05
CA ALA B 75 -2.85 -30.20 -7.23
C ALA B 75 -3.55 -31.44 -6.69
N VAL B 76 -4.55 -31.21 -5.84
CA VAL B 76 -5.22 -32.31 -5.16
C VAL B 76 -6.39 -32.83 -5.97
N THR B 77 -6.98 -32.00 -6.81
CA THR B 77 -7.89 -32.47 -7.83
C THR B 77 -7.44 -31.96 -9.18
N GLU B 78 -8.08 -32.46 -10.23
CA GLU B 78 -7.77 -32.00 -11.58
C GLU B 78 -8.00 -30.51 -11.71
N LEU B 79 -9.05 -29.99 -11.10
CA LEU B 79 -9.37 -28.57 -11.20
C LEU B 79 -8.25 -27.67 -10.73
N GLY B 80 -7.17 -28.26 -10.25
CA GLY B 80 -6.12 -27.45 -9.68
C GLY B 80 -4.80 -27.60 -10.40
N ARG B 81 -4.77 -28.42 -11.45
CA ARG B 81 -3.54 -28.53 -12.23
C ARG B 81 -3.11 -27.19 -12.81
N PRO B 82 -4.00 -26.35 -13.34
CA PRO B 82 -3.57 -25.02 -13.79
C PRO B 82 -2.75 -24.25 -12.77
N ASP B 83 -3.31 -24.04 -11.57
CA ASP B 83 -2.70 -23.18 -10.58
C ASP B 83 -1.42 -23.78 -10.00
N ALA B 84 -1.30 -25.10 -9.95
CA ALA B 84 -0.10 -25.67 -9.36
C ALA B 84 1.08 -25.55 -10.31
N GLU B 85 0.87 -25.91 -11.58
CA GLU B 85 1.92 -25.71 -12.58
C GLU B 85 2.31 -24.24 -12.65
N TYR B 86 1.33 -23.37 -12.85
CA TYR B 86 1.60 -21.94 -12.97
C TYR B 86 2.43 -21.43 -11.80
N TRP B 87 1.93 -21.59 -10.58
CA TRP B 87 2.61 -21.07 -9.39
C TRP B 87 3.98 -21.71 -9.19
N ASN B 88 4.26 -22.83 -9.84
CA ASN B 88 5.58 -23.42 -9.71
C ASN B 88 6.60 -22.80 -10.65
N SER B 89 6.14 -22.16 -11.72
CA SER B 89 7.06 -21.54 -12.66
C SER B 89 7.61 -20.24 -12.13
N GLN B 90 6.74 -19.24 -11.97
CA GLN B 90 7.10 -17.88 -11.59
C GLN B 90 7.80 -17.83 -10.24
N PRO B 91 9.14 -17.80 -10.22
CA PRO B 91 9.85 -18.01 -8.95
C PRO B 91 9.67 -16.88 -7.97
N GLU B 92 9.19 -15.72 -8.40
CA GLU B 92 8.76 -14.71 -7.46
C GLU B 92 7.63 -15.23 -6.58
N ILE B 93 6.82 -16.15 -7.10
CA ILE B 93 5.74 -16.73 -6.32
C ILE B 93 6.25 -17.90 -5.48
N LEU B 94 7.01 -18.80 -6.09
CA LEU B 94 7.38 -20.04 -5.42
C LEU B 94 8.42 -19.81 -4.34
N GLU B 95 9.41 -18.96 -4.59
CA GLU B 95 10.40 -18.75 -3.54
C GLU B 95 9.77 -18.03 -2.37
N ARG B 96 8.80 -17.15 -2.64
CA ARG B 96 8.11 -16.41 -1.59
C ARG B 96 7.28 -17.34 -0.73
N THR B 97 6.46 -18.18 -1.38
CA THR B 97 5.67 -19.15 -0.62
C THR B 97 6.56 -20.10 0.15
N ARG B 98 7.64 -20.58 -0.45
CA ARG B 98 8.61 -21.37 0.31
C ARG B 98 9.14 -20.62 1.51
N ALA B 99 9.24 -19.30 1.41
CA ALA B 99 9.84 -18.52 2.48
C ALA B 99 8.85 -18.16 3.56
N GLU B 100 7.56 -18.34 3.30
CA GLU B 100 6.58 -18.03 4.32
C GLU B 100 6.68 -18.94 5.51
N LEU B 101 7.37 -20.08 5.40
CA LEU B 101 7.69 -20.86 6.58
C LEU B 101 8.50 -20.04 7.57
N ASP B 102 9.34 -19.13 7.08
CA ASP B 102 10.08 -18.22 7.94
C ASP B 102 9.31 -16.94 8.20
N THR B 103 8.81 -16.31 7.15
CA THR B 103 8.19 -15.00 7.32
C THR B 103 6.79 -15.07 7.89
N VAL B 104 6.25 -16.27 8.11
CA VAL B 104 4.92 -16.37 8.71
C VAL B 104 4.93 -17.29 9.92
N CYS B 105 5.36 -18.53 9.72
CA CYS B 105 5.34 -19.48 10.82
C CYS B 105 6.39 -19.14 11.87
N ARG B 106 7.67 -19.31 11.53
CA ARG B 106 8.73 -18.98 12.46
C ARG B 106 8.57 -17.58 13.01
N HIS B 107 8.15 -16.65 12.17
CA HIS B 107 8.05 -15.26 12.59
C HIS B 107 6.95 -15.09 13.64
N ASN B 108 5.78 -15.66 13.38
CA ASN B 108 4.66 -15.47 14.28
C ASN B 108 4.88 -16.23 15.58
N TYR B 109 5.52 -17.39 15.51
CA TYR B 109 5.84 -18.12 16.72
C TYR B 109 6.83 -17.33 17.55
N GLU B 110 8.03 -17.12 17.03
CA GLU B 110 9.07 -16.41 17.76
C GLU B 110 8.74 -14.97 18.05
N GLY B 111 7.55 -14.50 17.73
CA GLY B 111 7.23 -13.10 17.87
C GLY B 111 5.97 -12.89 18.68
N PRO B 112 4.85 -12.64 18.02
CA PRO B 112 3.63 -12.38 18.78
C PRO B 112 3.15 -13.57 19.60
N GLU B 113 3.21 -14.79 19.08
CA GLU B 113 2.71 -15.92 19.86
C GLU B 113 3.41 -15.98 21.21
N THR B 114 4.71 -15.73 21.22
CA THR B 114 5.45 -15.75 22.46
C THR B 114 4.96 -14.70 23.45
N HIS B 115 4.48 -13.56 22.96
CA HIS B 115 3.94 -12.56 23.86
C HIS B 115 2.47 -12.78 24.19
N THR B 116 1.81 -13.73 23.55
CA THR B 116 0.39 -13.86 23.79
C THR B 116 -0.02 -15.30 24.02
N SER B 117 -0.17 -16.06 22.93
CA SER B 117 -0.71 -17.41 23.04
C SER B 117 0.12 -18.27 23.98
N LEU B 118 1.43 -18.26 23.80
CA LEU B 118 2.26 -19.12 24.63
C LEU B 118 2.44 -18.60 26.04
N ARG B 119 1.90 -17.45 26.40
CA ARG B 119 2.07 -16.94 27.74
C ARG B 119 0.77 -16.92 28.53
N ARG B 120 -0.35 -17.23 27.90
CA ARG B 120 -1.61 -17.28 28.62
C ARG B 120 -1.59 -18.45 29.60
N LEU B 121 -1.95 -18.16 30.86
CA LEU B 121 -2.09 -19.16 31.91
C LEU B 121 -3.25 -18.74 32.79
N GLU B 122 -4.30 -19.55 32.86
CA GLU B 122 -5.47 -19.22 33.65
C GLU B 122 -5.80 -20.38 34.57
N GLN B 123 -5.89 -20.09 35.87
CA GLN B 123 -6.05 -21.12 36.89
C GLN B 123 -7.49 -21.57 36.95
N PRO B 124 -7.72 -22.87 37.14
CA PRO B 124 -9.09 -23.38 37.11
C PRO B 124 -9.86 -23.00 38.35
N ASN B 125 -11.16 -22.95 38.19
CA ASN B 125 -12.08 -22.88 39.30
C ASN B 125 -12.58 -24.28 39.57
N VAL B 126 -12.28 -24.79 40.76
CA VAL B 126 -12.68 -26.12 41.17
C VAL B 126 -13.74 -26.01 42.24
N VAL B 127 -14.92 -26.56 42.00
CA VAL B 127 -15.96 -26.64 43.01
C VAL B 127 -16.67 -27.98 42.90
N ILE B 128 -16.98 -28.58 44.03
CA ILE B 128 -17.64 -29.87 44.09
C ILE B 128 -19.09 -29.65 44.42
N SER B 129 -19.97 -30.49 43.88
CA SER B 129 -21.38 -30.43 44.23
C SER B 129 -21.96 -31.83 44.11
N LEU B 130 -23.02 -32.08 44.87
CA LEU B 130 -23.65 -33.40 44.94
C LEU B 130 -24.96 -33.32 44.19
N SER B 131 -25.04 -33.98 43.04
CA SER B 131 -26.28 -34.05 42.31
C SER B 131 -27.30 -34.89 43.08
N ASN B 140 -25.84 -41.59 45.56
CA ASN B 140 -25.59 -40.22 45.17
C ASN B 140 -24.24 -40.09 44.46
N THR B 141 -24.08 -39.06 43.62
CA THR B 141 -22.86 -38.82 42.86
C THR B 141 -22.36 -37.42 43.11
N LEU B 142 -21.07 -37.27 43.39
CA LEU B 142 -20.43 -35.98 43.53
C LEU B 142 -19.80 -35.56 42.21
N VAL B 143 -19.95 -34.29 41.85
CA VAL B 143 -19.40 -33.76 40.62
C VAL B 143 -18.31 -32.76 40.96
N CYS B 144 -17.15 -32.93 40.36
CA CYS B 144 -16.08 -31.95 40.45
C CYS B 144 -16.01 -31.19 39.13
N SER B 145 -16.39 -29.91 39.16
CA SER B 145 -16.39 -29.09 37.96
C SER B 145 -15.18 -28.17 37.98
N VAL B 146 -14.35 -28.30 36.95
CA VAL B 146 -13.09 -27.59 36.81
C VAL B 146 -13.20 -26.70 35.58
N THR B 147 -13.22 -25.39 35.78
CA THR B 147 -13.64 -24.48 34.73
C THR B 147 -12.63 -23.37 34.48
N ASP B 148 -12.63 -22.89 33.23
CA ASP B 148 -12.08 -21.60 32.82
C ASP B 148 -10.56 -21.53 32.95
N PHE B 149 -9.88 -22.50 32.34
CA PHE B 149 -8.42 -22.58 32.42
C PHE B 149 -7.82 -22.67 31.03
N TYR B 150 -6.51 -22.46 30.97
CA TYR B 150 -5.73 -22.50 29.76
C TYR B 150 -4.30 -22.67 30.22
N PRO B 151 -3.50 -23.50 29.54
CA PRO B 151 -3.79 -24.31 28.36
C PRO B 151 -4.58 -25.58 28.69
N ALA B 152 -4.56 -26.56 27.78
CA ALA B 152 -5.47 -27.69 27.87
C ALA B 152 -5.01 -28.76 28.84
N LYS B 153 -3.74 -28.75 29.23
CA LYS B 153 -3.20 -29.84 30.04
C LYS B 153 -3.72 -29.74 31.48
N ILE B 154 -4.49 -30.74 31.90
CA ILE B 154 -5.01 -30.77 33.26
C ILE B 154 -5.16 -32.22 33.70
N LYS B 155 -4.90 -32.46 34.98
CA LYS B 155 -5.19 -33.74 35.62
C LYS B 155 -6.19 -33.49 36.73
N VAL B 156 -7.22 -34.32 36.80
CA VAL B 156 -8.25 -34.24 37.85
C VAL B 156 -8.44 -35.63 38.45
N ARG B 157 -8.15 -35.77 39.74
CA ARG B 157 -8.17 -37.05 40.44
C ARG B 157 -9.04 -36.95 41.69
N TRP B 158 -9.75 -38.02 42.01
CA TRP B 158 -10.59 -38.07 43.20
C TRP B 158 -9.92 -38.87 44.31
N PHE B 159 -9.96 -38.37 45.53
CA PHE B 159 -9.59 -39.14 46.71
C PHE B 159 -10.79 -39.35 47.62
N ARG B 160 -10.80 -40.49 48.32
CA ARG B 160 -11.77 -40.76 49.39
C ARG B 160 -10.99 -41.06 50.67
N ASN B 161 -11.15 -40.20 51.67
CA ASN B 161 -10.41 -40.30 52.92
C ASN B 161 -8.91 -40.41 52.67
N GLY B 162 -8.44 -39.82 51.58
CA GLY B 162 -7.04 -39.86 51.24
C GLY B 162 -6.61 -41.10 50.49
N GLN B 163 -7.44 -41.58 49.58
CA GLN B 163 -7.11 -42.78 48.81
C GLN B 163 -7.63 -42.60 47.39
N GLU B 164 -6.72 -42.54 46.43
CA GLU B 164 -7.08 -42.36 45.03
C GLU B 164 -8.13 -43.37 44.62
N GLU B 165 -9.24 -42.88 44.09
CA GLU B 165 -10.34 -43.73 43.64
C GLU B 165 -10.50 -43.53 42.14
N THR B 166 -10.07 -44.51 41.36
CA THR B 166 -10.26 -44.53 39.93
C THR B 166 -11.43 -45.39 39.49
N VAL B 167 -12.20 -45.92 40.43
CA VAL B 167 -13.33 -46.79 40.13
C VAL B 167 -14.59 -45.98 40.34
N GLY B 168 -15.48 -46.00 39.35
CA GLY B 168 -16.68 -45.21 39.39
C GLY B 168 -16.49 -43.77 39.01
N VAL B 169 -15.33 -43.40 38.49
CA VAL B 169 -15.03 -42.03 38.08
C VAL B 169 -15.24 -41.89 36.59
N SER B 170 -15.80 -40.76 36.18
CA SER B 170 -16.09 -40.55 34.77
C SER B 170 -16.03 -39.08 34.48
N SER B 171 -15.13 -38.67 33.59
CA SER B 171 -15.00 -37.27 33.24
C SER B 171 -15.58 -37.01 31.86
N THR B 172 -15.77 -35.73 31.56
CA THR B 172 -16.05 -35.31 30.22
C THR B 172 -14.78 -35.33 29.40
N GLN B 173 -14.93 -35.11 28.09
CA GLN B 173 -13.76 -34.79 27.29
C GLN B 173 -13.37 -33.35 27.55
N LEU B 174 -12.21 -32.97 27.06
CA LEU B 174 -11.85 -31.57 27.09
C LEU B 174 -12.90 -30.75 26.34
N ILE B 175 -13.60 -29.90 27.07
CA ILE B 175 -14.64 -29.06 26.51
C ILE B 175 -14.05 -27.70 26.23
N ARG B 176 -14.03 -27.31 24.95
CA ARG B 176 -13.45 -26.04 24.53
C ARG B 176 -14.53 -24.98 24.52
N ASN B 177 -14.32 -23.90 25.27
CA ASN B 177 -15.38 -22.92 25.46
C ASN B 177 -15.45 -21.88 24.36
N GLY B 178 -14.37 -21.69 23.60
CA GLY B 178 -14.38 -20.73 22.52
C GLY B 178 -14.06 -19.31 22.93
N ASP B 179 -13.68 -19.09 24.16
CA ASP B 179 -13.20 -17.80 24.65
C ASP B 179 -11.84 -17.97 25.29
N TRP B 180 -11.08 -18.93 24.78
CA TRP B 180 -9.72 -19.21 25.22
C TRP B 180 -9.69 -19.80 26.62
N THR B 181 -10.76 -20.49 27.01
CA THR B 181 -10.88 -21.21 28.26
C THR B 181 -11.42 -22.61 27.99
N PHE B 182 -10.98 -23.57 28.79
CA PHE B 182 -11.49 -24.93 28.76
C PHE B 182 -12.36 -25.21 29.98
N GLN B 183 -12.82 -26.47 30.06
CA GLN B 183 -13.74 -26.88 31.11
C GLN B 183 -13.79 -28.39 31.14
N VAL B 184 -13.68 -28.98 32.33
CA VAL B 184 -13.81 -30.42 32.49
C VAL B 184 -14.64 -30.73 33.73
N LEU B 185 -15.45 -31.76 33.66
CA LEU B 185 -16.32 -32.20 34.76
C LEU B 185 -16.00 -33.64 35.10
N VAL B 186 -15.77 -33.94 36.37
CA VAL B 186 -15.41 -35.28 36.80
C VAL B 186 -16.42 -35.73 37.82
N MET B 187 -17.27 -36.69 37.46
CA MET B 187 -18.28 -37.23 38.34
C MET B 187 -17.80 -38.51 39.00
N LEU B 188 -18.10 -38.66 40.28
CA LEU B 188 -17.71 -39.83 41.07
C LEU B 188 -18.95 -40.48 41.66
N GLU B 189 -19.06 -41.80 41.48
CA GLU B 189 -20.09 -42.58 42.16
C GLU B 189 -19.62 -42.92 43.56
N MET B 190 -20.46 -42.60 44.55
CA MET B 190 -20.07 -42.72 45.94
C MET B 190 -21.31 -42.88 46.78
N THR B 191 -21.12 -43.10 48.07
CA THR B 191 -22.20 -43.12 49.04
C THR B 191 -21.69 -42.57 50.36
N PRO B 192 -22.27 -41.49 50.84
CA PRO B 192 -21.73 -40.81 52.01
C PRO B 192 -22.20 -41.37 53.35
N ARG B 193 -21.25 -41.67 54.22
CA ARG B 193 -21.54 -41.96 55.61
C ARG B 193 -20.82 -40.91 56.44
N ARG B 194 -21.56 -40.23 57.32
CA ARG B 194 -21.04 -39.08 58.05
C ARG B 194 -19.61 -39.29 58.53
N GLY B 195 -18.77 -38.28 58.32
CA GLY B 195 -17.37 -38.32 58.70
C GLY B 195 -16.43 -38.45 57.52
N GLU B 196 -16.87 -39.09 56.43
CA GLU B 196 -16.03 -39.29 55.26
C GLU B 196 -15.67 -37.95 54.60
N VAL B 197 -14.48 -37.92 54.00
CA VAL B 197 -13.99 -36.72 53.33
C VAL B 197 -13.58 -37.10 51.92
N TYR B 198 -14.24 -36.51 50.93
CA TYR B 198 -13.87 -36.68 49.53
C TYR B 198 -13.14 -35.44 49.05
N THR B 199 -12.04 -35.61 48.34
CA THR B 199 -11.34 -34.44 47.83
C THR B 199 -11.14 -34.54 46.33
N CYS B 200 -11.36 -33.43 45.64
CA CYS B 200 -11.00 -33.24 44.23
C CYS B 200 -9.60 -32.65 44.13
N HIS B 201 -8.74 -33.30 43.37
CA HIS B 201 -7.34 -32.94 43.23
C HIS B 201 -7.09 -32.52 41.78
N VAL B 202 -6.60 -31.29 41.59
CA VAL B 202 -6.47 -30.68 40.27
C VAL B 202 -5.04 -30.22 40.07
N GLU B 203 -4.35 -30.82 39.10
CA GLU B 203 -3.00 -30.44 38.69
C GLU B 203 -3.05 -29.74 37.35
N HIS B 204 -2.24 -28.69 37.21
CA HIS B 204 -2.28 -27.82 36.04
C HIS B 204 -0.99 -27.03 35.98
N PRO B 205 -0.58 -26.57 34.79
CA PRO B 205 0.64 -25.75 34.71
C PRO B 205 0.47 -24.34 35.24
N SER B 206 -0.74 -23.78 35.19
CA SER B 206 -0.96 -22.50 35.81
C SER B 206 -0.75 -22.55 37.31
N LEU B 207 -0.76 -23.73 37.91
CA LEU B 207 -0.80 -23.87 39.35
C LEU B 207 0.59 -24.09 39.92
N LYS B 208 1.01 -23.15 40.76
CA LYS B 208 2.07 -23.34 41.75
C LYS B 208 2.00 -24.73 42.39
N SER B 209 1.02 -24.93 43.28
CA SER B 209 0.79 -26.22 43.90
C SER B 209 -0.61 -26.70 43.54
N PRO B 210 -0.82 -28.01 43.46
CA PRO B 210 -2.11 -28.51 43.00
C PRO B 210 -3.24 -28.06 43.89
N ILE B 211 -4.38 -27.86 43.30
CA ILE B 211 -5.56 -27.42 44.03
C ILE B 211 -6.26 -28.64 44.59
N THR B 212 -6.73 -28.53 45.83
CA THR B 212 -7.54 -29.58 46.43
C THR B 212 -8.79 -28.95 47.01
N VAL B 213 -9.95 -29.50 46.68
CA VAL B 213 -11.22 -29.04 47.24
C VAL B 213 -11.90 -30.23 47.90
N GLU B 214 -12.24 -30.08 49.18
CA GLU B 214 -12.78 -31.19 49.94
C GLU B 214 -14.27 -31.00 50.20
N TRP B 215 -14.91 -32.12 50.48
CA TRP B 215 -16.34 -32.21 50.68
C TRP B 215 -16.53 -33.24 51.77
N ARG B 216 -16.97 -32.80 52.95
CA ARG B 216 -17.19 -33.68 54.09
C ARG B 216 -18.61 -34.21 54.06
N ALA B 217 -18.74 -35.50 54.29
CA ALA B 217 -20.07 -36.10 54.31
C ALA B 217 -20.69 -35.89 55.68
N GLN C 2 9.81 4.89 10.50
CA GLN C 2 8.66 4.71 9.63
C GLN C 2 8.73 5.65 8.44
N GLN C 3 9.21 6.87 8.68
CA GLN C 3 9.44 7.82 7.60
C GLN C 3 10.63 7.38 6.75
N VAL C 4 10.67 7.90 5.54
CA VAL C 4 11.82 7.76 4.67
C VAL C 4 12.39 9.15 4.43
N ARG C 5 13.69 9.30 4.62
CA ARG C 5 14.36 10.58 4.47
C ARG C 5 15.49 10.44 3.47
N GLN C 6 15.54 11.34 2.49
CA GLN C 6 16.59 11.31 1.48
C GLN C 6 17.46 12.56 1.56
N SER C 7 18.72 12.39 1.21
CA SER C 7 19.66 13.48 1.13
C SER C 7 20.54 13.26 -0.10
N PRO C 8 20.96 14.36 -0.77
CA PRO C 8 20.64 15.75 -0.52
C PRO C 8 19.32 16.08 -1.15
N GLN C 9 18.79 17.28 -0.95
CA GLN C 9 17.51 17.57 -1.56
C GLN C 9 17.62 17.80 -3.05
N SER C 10 18.81 18.02 -3.57
CA SER C 10 19.07 18.15 -4.99
C SER C 10 20.57 18.04 -5.22
N LEU C 11 20.94 17.44 -6.33
CA LEU C 11 22.34 17.16 -6.64
C LEU C 11 22.63 17.57 -8.09
N THR C 12 23.71 18.34 -8.28
CA THR C 12 24.19 18.74 -9.60
C THR C 12 25.53 18.08 -9.86
N VAL C 13 25.68 17.48 -11.03
CA VAL C 13 26.81 16.63 -11.35
C VAL C 13 27.17 16.86 -12.80
N TRP C 14 28.44 16.73 -13.13
CA TRP C 14 28.89 16.91 -14.51
C TRP C 14 29.03 15.57 -15.20
N GLU C 15 28.68 15.54 -16.48
CA GLU C 15 28.66 14.32 -17.27
C GLU C 15 29.92 13.51 -17.02
N GLY C 16 29.77 12.34 -16.41
CA GLY C 16 30.92 11.52 -16.09
C GLY C 16 31.00 11.14 -14.63
N GLU C 17 30.65 12.06 -13.73
CA GLU C 17 30.75 11.77 -12.31
C GLU C 17 29.80 10.65 -11.92
N THR C 18 30.01 10.11 -10.73
CA THR C 18 29.08 9.18 -10.12
C THR C 18 28.25 9.96 -9.12
N ALA C 19 26.94 10.01 -9.36
CA ALA C 19 26.06 10.61 -8.40
C ALA C 19 25.73 9.60 -7.32
N ILE C 20 25.49 10.12 -6.12
CA ILE C 20 25.23 9.31 -4.95
C ILE C 20 24.01 9.88 -4.25
N LEU C 21 22.90 9.16 -4.31
CA LEU C 21 21.67 9.56 -3.68
C LEU C 21 21.44 8.73 -2.42
N ASN C 22 21.24 9.42 -1.31
CA ASN C 22 21.24 8.80 0.00
C ASN C 22 19.83 8.72 0.54
N CYS C 23 19.55 7.62 1.24
CA CYS C 23 18.24 7.40 1.81
C CYS C 23 18.41 6.68 3.14
N SER C 24 17.49 6.95 4.06
CA SER C 24 17.47 6.18 5.30
C SER C 24 16.04 6.09 5.80
N TYR C 25 15.76 5.01 6.51
CA TYR C 25 14.44 4.75 7.08
C TYR C 25 14.57 4.51 8.57
N GLU C 26 13.47 4.72 9.28
CA GLU C 26 13.46 4.63 10.74
C GLU C 26 12.68 3.42 11.25
N ASN C 27 12.02 2.67 10.38
CA ASN C 27 11.29 1.47 10.75
C ASN C 27 12.13 0.26 10.36
N SER C 28 12.61 -0.48 11.35
CA SER C 28 13.45 -1.63 11.07
C SER C 28 12.73 -2.76 10.33
N ALA C 29 11.41 -2.70 10.20
CA ALA C 29 10.67 -3.81 9.61
C ALA C 29 10.60 -3.75 8.09
N PHE C 30 10.95 -2.60 7.50
CA PHE C 30 11.03 -2.44 6.05
C PHE C 30 12.00 -3.43 5.43
N ASP C 31 11.60 -4.10 4.35
CA ASP C 31 12.45 -5.11 3.75
C ASP C 31 12.53 -5.04 2.23
N TYR C 32 11.81 -4.14 1.57
CA TYR C 32 11.87 -3.98 0.14
C TYR C 32 11.98 -2.49 -0.16
N PHE C 33 12.97 -2.15 -0.98
CA PHE C 33 13.36 -0.76 -1.21
C PHE C 33 13.45 -0.49 -2.71
N PRO C 34 12.33 -0.13 -3.33
CA PRO C 34 12.36 0.25 -4.75
C PRO C 34 12.56 1.73 -4.93
N TRP C 35 13.41 2.07 -5.89
CA TRP C 35 13.72 3.44 -6.30
C TRP C 35 13.00 3.72 -7.60
N TYR C 36 12.28 4.85 -7.62
CA TYR C 36 11.48 5.29 -8.75
C TYR C 36 12.10 6.53 -9.40
N GLN C 37 12.18 6.54 -10.73
CA GLN C 37 12.75 7.65 -11.49
C GLN C 37 11.65 8.47 -12.15
N GLN C 38 11.62 9.77 -11.89
CA GLN C 38 10.60 10.65 -12.50
C GLN C 38 11.28 11.66 -13.41
N PHE C 39 11.04 11.52 -14.69
CA PHE C 39 11.45 12.48 -15.70
C PHE C 39 10.47 13.65 -15.72
N PRO C 40 10.93 14.85 -16.08
CA PRO C 40 10.05 16.03 -15.99
C PRO C 40 8.81 15.88 -16.84
N GLY C 41 7.68 16.32 -16.28
CA GLY C 41 6.40 16.22 -16.94
C GLY C 41 5.82 14.83 -17.01
N GLU C 42 6.46 13.83 -16.41
CA GLU C 42 6.01 12.46 -16.47
C GLU C 42 5.71 11.92 -15.09
N GLY C 43 5.29 10.67 -15.03
CA GLY C 43 5.02 10.02 -13.79
C GLY C 43 6.10 9.01 -13.48
N PRO C 44 6.39 8.80 -12.20
CA PRO C 44 7.56 8.02 -11.83
C PRO C 44 7.45 6.58 -12.32
N ALA C 45 8.59 5.99 -12.58
CA ALA C 45 8.65 4.60 -12.98
C ALA C 45 9.70 3.88 -12.15
N LEU C 46 9.55 2.58 -12.03
CA LEU C 46 10.51 1.80 -11.26
C LEU C 46 11.86 1.85 -11.95
N LEU C 47 12.87 2.28 -11.21
CA LEU C 47 14.26 2.20 -11.65
C LEU C 47 14.93 0.94 -11.15
N ILE C 48 15.06 0.80 -9.84
CA ILE C 48 15.81 -0.34 -9.32
C ILE C 48 15.40 -0.57 -7.88
N ALA C 49 15.38 -1.83 -7.47
CA ALA C 49 14.87 -2.22 -6.16
C ALA C 49 15.79 -3.22 -5.50
N ILE C 50 15.98 -3.09 -4.20
CA ILE C 50 16.75 -4.06 -3.43
C ILE C 50 15.90 -4.63 -2.32
N ARG C 51 16.19 -5.86 -1.93
CA ARG C 51 15.55 -6.50 -0.78
C ARG C 51 16.55 -6.63 0.36
N SER C 52 16.01 -6.69 1.59
CA SER C 52 16.83 -6.61 2.79
C SER C 52 17.77 -7.79 2.97
N VAL C 53 17.55 -8.90 2.27
CA VAL C 53 18.49 -10.00 2.32
C VAL C 53 19.71 -9.79 1.43
N SER C 54 19.80 -8.64 0.74
CA SER C 54 20.95 -8.29 -0.06
C SER C 54 21.52 -6.97 0.41
N ASP C 55 22.80 -6.76 0.16
CA ASP C 55 23.43 -5.49 0.50
C ASP C 55 23.89 -4.71 -0.72
N LYS C 56 23.62 -5.21 -1.93
CA LYS C 56 24.02 -4.55 -3.16
C LYS C 56 23.30 -5.16 -4.36
N LYS C 57 22.59 -4.34 -5.13
CA LYS C 57 21.97 -4.80 -6.37
C LYS C 57 22.54 -3.99 -7.52
N GLU C 58 23.14 -4.67 -8.47
CA GLU C 58 23.82 -4.04 -9.59
C GLU C 58 22.96 -4.16 -10.84
N ASP C 59 22.82 -3.07 -11.57
CA ASP C 59 22.07 -3.10 -12.83
C ASP C 59 22.56 -1.94 -13.69
N GLY C 60 23.32 -2.25 -14.73
CA GLY C 60 23.88 -1.22 -15.59
C GLY C 60 24.71 -0.22 -14.81
N ARG C 61 24.49 1.06 -15.12
CA ARG C 61 25.21 2.11 -14.44
C ARG C 61 24.64 2.42 -13.08
N PHE C 62 23.57 1.74 -12.68
CA PHE C 62 22.86 2.01 -11.43
C PHE C 62 23.12 0.89 -10.44
N THR C 63 23.39 1.27 -9.20
CA THR C 63 23.67 0.28 -8.16
C THR C 63 23.05 0.70 -6.83
N ILE C 64 22.26 -0.16 -6.21
CA ILE C 64 21.82 0.07 -4.83
C ILE C 64 22.82 -0.56 -3.87
N PHE C 65 23.20 0.20 -2.84
CA PHE C 65 23.96 -0.30 -1.71
C PHE C 65 23.06 -0.25 -0.49
N PHE C 66 22.79 -1.40 0.10
CA PHE C 66 21.92 -1.51 1.26
C PHE C 66 22.74 -1.81 2.51
N ASN C 67 22.45 -1.11 3.60
CA ASN C 67 23.12 -1.36 4.86
C ASN C 67 22.08 -1.47 5.98
N LYS C 68 21.89 -2.69 6.45
CA LYS C 68 20.83 -3.08 7.39
C LYS C 68 21.09 -2.55 8.79
N ARG C 69 22.33 -2.63 9.26
CA ARG C 69 22.62 -2.23 10.64
C ARG C 69 22.43 -0.74 10.85
N GLU C 70 22.83 0.08 9.89
CA GLU C 70 22.65 1.53 10.01
C GLU C 70 21.33 2.02 9.46
N LYS C 71 20.55 1.15 8.83
CA LYS C 71 19.31 1.52 8.18
C LYS C 71 19.56 2.63 7.17
N LYS C 72 20.35 2.29 6.15
CA LYS C 72 20.76 3.28 5.16
C LYS C 72 20.88 2.63 3.79
N LEU C 73 20.41 3.36 2.78
CA LEU C 73 20.56 2.98 1.39
C LEU C 73 21.31 4.07 0.65
N SER C 74 21.95 3.69 -0.44
CA SER C 74 22.48 4.67 -1.37
C SER C 74 22.33 4.14 -2.79
N LEU C 75 21.88 4.99 -3.71
CA LEU C 75 21.90 4.69 -5.13
C LEU C 75 23.09 5.38 -5.77
N HIS C 76 23.94 4.61 -6.43
CA HIS C 76 25.12 5.12 -7.11
C HIS C 76 24.89 5.00 -8.60
N ILE C 77 24.93 6.15 -9.28
CA ILE C 77 24.88 6.20 -10.73
C ILE C 77 26.29 6.50 -11.22
N THR C 78 26.85 5.61 -12.00
CA THR C 78 28.16 5.85 -12.59
C THR C 78 28.02 6.28 -14.04
N ASP C 79 28.99 7.08 -14.48
CA ASP C 79 29.02 7.62 -15.84
C ASP C 79 27.74 8.40 -16.12
N SER C 80 27.38 9.25 -15.16
CA SER C 80 26.11 9.99 -15.19
C SER C 80 25.93 10.75 -16.48
N GLN C 81 25.05 10.27 -17.36
CA GLN C 81 24.69 11.00 -18.56
C GLN C 81 23.81 12.19 -18.20
N PRO C 82 23.60 13.12 -19.12
CA PRO C 82 22.67 14.22 -18.85
C PRO C 82 21.23 13.81 -18.91
N GLY C 83 20.91 12.72 -19.61
CA GLY C 83 19.56 12.22 -19.64
C GLY C 83 19.15 11.53 -18.38
N ASP C 84 20.09 11.30 -17.47
CA ASP C 84 19.78 10.84 -16.13
C ASP C 84 19.13 11.92 -15.30
N SER C 85 18.98 13.14 -15.80
CA SER C 85 18.43 14.23 -15.01
C SER C 85 16.95 13.98 -14.75
N ALA C 86 16.60 13.94 -13.47
CA ALA C 86 15.25 13.56 -13.05
C ALA C 86 15.17 13.67 -11.54
N THR C 87 14.00 13.44 -10.96
CA THR C 87 13.89 13.31 -9.51
C THR C 87 13.82 11.83 -9.16
N TYR C 88 14.57 11.44 -8.13
CA TYR C 88 14.75 10.05 -7.77
C TYR C 88 14.17 9.83 -6.38
N PHE C 89 13.23 8.89 -6.29
CA PHE C 89 12.52 8.61 -5.06
C PHE C 89 12.98 7.30 -4.46
N CYS C 90 13.31 7.34 -3.19
CA CYS C 90 13.54 6.15 -2.40
C CYS C 90 12.24 5.73 -1.74
N ALA C 91 11.88 4.47 -1.90
CA ALA C 91 10.63 3.97 -1.35
C ALA C 91 10.90 2.69 -0.58
N ALA C 92 10.04 2.42 0.39
CA ALA C 92 10.18 1.29 1.29
C ALA C 92 8.83 0.74 1.67
N SER C 93 8.71 -0.58 1.70
CA SER C 93 7.58 -1.23 2.33
C SER C 93 8.08 -2.37 3.20
N GLU C 94 7.35 -2.65 4.28
CA GLU C 94 7.47 -3.95 4.91
C GLU C 94 6.46 -4.86 4.21
N THR C 95 6.96 -5.80 3.43
CA THR C 95 6.09 -6.61 2.63
C THR C 95 5.24 -7.52 3.47
N GLY C 96 5.69 -7.83 4.69
CA GLY C 96 5.03 -8.82 5.50
C GLY C 96 3.62 -8.44 5.87
N ALA C 97 3.34 -7.15 5.98
CA ALA C 97 2.03 -6.69 6.43
C ALA C 97 0.97 -6.73 5.35
N ASN C 98 1.32 -7.15 4.13
CA ASN C 98 0.40 -7.37 3.02
C ASN C 98 -0.46 -6.14 2.70
N THR C 99 -0.01 -4.91 2.99
CA THR C 99 -0.90 -3.77 2.94
C THR C 99 -1.14 -3.27 1.54
N GLY C 100 -0.08 -3.21 0.74
CA GLY C 100 -0.12 -2.67 -0.58
C GLY C 100 0.40 -1.25 -0.66
N LYS C 101 0.34 -0.51 0.44
CA LYS C 101 0.90 0.82 0.44
C LYS C 101 2.42 0.73 0.37
N LEU C 102 3.03 1.85 0.05
CA LEU C 102 4.45 1.98 -0.18
C LEU C 102 4.82 3.33 0.36
N THR C 103 5.91 3.42 1.09
CA THR C 103 6.31 4.67 1.72
C THR C 103 7.34 5.35 0.83
N PHE C 104 7.10 6.61 0.47
CA PHE C 104 7.99 7.30 -0.45
C PHE C 104 8.83 8.33 0.27
N GLY C 105 10.12 8.36 -0.04
CA GLY C 105 10.98 9.47 0.31
C GLY C 105 10.51 10.72 -0.37
N HIS C 106 11.15 11.85 -0.10
CA HIS C 106 10.70 13.10 -0.69
C HIS C 106 11.36 13.36 -2.04
N GLY C 107 12.25 12.48 -2.47
CA GLY C 107 12.93 12.66 -3.73
C GLY C 107 14.16 13.52 -3.64
N THR C 108 15.19 13.23 -4.44
CA THR C 108 16.27 14.16 -4.68
C THR C 108 16.33 14.46 -6.16
N ILE C 109 16.49 15.74 -6.50
CA ILE C 109 16.50 16.20 -7.88
C ILE C 109 17.93 16.13 -8.41
N LEU C 110 18.17 15.23 -9.32
CA LEU C 110 19.49 15.08 -9.93
C LEU C 110 19.47 15.81 -11.26
N ARG C 111 20.27 16.87 -11.37
CA ARG C 111 20.42 17.64 -12.60
C ARG C 111 21.85 17.46 -13.07
N VAL C 112 22.06 16.63 -14.08
CA VAL C 112 23.39 16.36 -14.62
C VAL C 112 23.69 17.36 -15.72
N HIS C 113 24.94 18.04 -15.66
CA HIS C 113 25.48 18.97 -16.66
C HIS C 113 26.26 18.21 -17.72
N PRO C 114 26.10 18.55 -19.00
CA PRO C 114 26.90 17.89 -20.04
C PRO C 114 28.29 18.49 -20.05
N ASN C 115 29.27 17.66 -20.38
CA ASN C 115 30.64 18.15 -20.42
C ASN C 115 30.82 19.10 -21.59
N ILE C 116 31.76 20.02 -21.45
CA ILE C 116 32.10 20.98 -22.47
C ILE C 116 33.54 20.73 -22.89
N GLN C 117 33.75 20.54 -24.19
CA GLN C 117 35.06 20.18 -24.68
C GLN C 117 36.08 21.27 -24.40
N ASN C 118 35.83 22.47 -24.93
CA ASN C 118 36.65 23.64 -24.63
C ASN C 118 35.76 24.65 -23.94
N PRO C 119 35.86 24.81 -22.63
CA PRO C 119 35.09 25.85 -21.97
C PRO C 119 35.52 27.20 -22.50
N ASP C 120 34.54 28.04 -22.78
CA ASP C 120 34.79 29.41 -23.22
C ASP C 120 33.70 30.30 -22.63
N PRO C 121 33.77 30.54 -21.34
CA PRO C 121 32.68 31.28 -20.68
C PRO C 121 32.49 32.67 -21.24
N ALA C 122 31.24 33.05 -21.48
CA ALA C 122 30.99 34.39 -21.98
C ALA C 122 29.56 34.81 -21.62
N VAL C 123 29.33 36.11 -21.64
CA VAL C 123 28.02 36.71 -21.44
C VAL C 123 27.67 37.53 -22.69
N TYR C 124 26.69 37.06 -23.45
CA TYR C 124 26.27 37.70 -24.69
C TYR C 124 24.94 38.41 -24.54
N GLN C 125 24.70 39.40 -25.40
CA GLN C 125 23.46 40.15 -25.42
C GLN C 125 22.68 39.74 -26.66
N LEU C 126 21.38 39.51 -26.51
CA LEU C 126 20.59 39.04 -27.63
C LEU C 126 19.67 40.15 -28.13
N ARG C 127 19.29 40.04 -29.40
CA ARG C 127 18.51 41.07 -30.09
C ARG C 127 17.12 41.20 -29.51
N ASP C 128 16.89 42.31 -28.81
CA ASP C 128 15.69 42.47 -27.99
C ASP C 128 14.47 42.72 -28.86
N SER C 129 13.37 42.05 -28.52
CA SER C 129 12.07 42.36 -29.12
C SER C 129 10.94 41.85 -28.22
N ASP C 133 9.75 43.71 -24.83
CA ASP C 133 9.84 44.86 -23.93
C ASP C 133 11.04 44.76 -23.01
N LYS C 134 11.82 43.70 -23.19
CA LYS C 134 12.99 43.40 -22.35
C LYS C 134 14.19 43.12 -23.25
N SER C 135 15.32 42.86 -22.62
CA SER C 135 16.53 42.47 -23.31
C SER C 135 17.17 41.32 -22.55
N VAL C 136 17.73 40.37 -23.28
CA VAL C 136 18.16 39.09 -22.73
C VAL C 136 19.68 39.01 -22.74
N CYS C 137 20.25 38.67 -21.59
CA CYS C 137 21.65 38.31 -21.44
C CYS C 137 21.78 36.81 -21.27
N LEU C 138 22.86 36.25 -21.82
CA LEU C 138 23.08 34.81 -21.90
C LEU C 138 24.48 34.48 -21.41
N PHE C 139 24.57 33.75 -20.32
CA PHE C 139 25.84 33.27 -19.79
C PHE C 139 26.01 31.83 -20.24
N THR C 140 27.13 31.52 -20.89
CA THR C 140 27.23 30.19 -21.46
C THR C 140 28.68 29.76 -21.55
N ASP C 141 28.84 28.44 -21.65
CA ASP C 141 30.11 27.76 -21.85
C ASP C 141 31.03 27.87 -20.65
N PHE C 142 30.49 28.05 -19.47
CA PHE C 142 31.32 28.11 -18.28
C PHE C 142 31.74 26.71 -17.85
N ASP C 143 32.85 26.63 -17.12
CA ASP C 143 33.35 25.35 -16.62
C ASP C 143 32.74 25.04 -15.26
N SER C 144 33.18 23.96 -14.64
CA SER C 144 32.49 23.40 -13.50
C SER C 144 32.79 24.08 -12.19
N GLN C 145 33.37 25.28 -12.18
CA GLN C 145 33.69 25.94 -10.92
C GLN C 145 32.90 27.22 -10.75
N THR C 146 31.80 27.38 -11.47
CA THR C 146 30.95 28.56 -11.35
C THR C 146 29.57 28.12 -10.89
N ASN C 147 29.01 28.89 -9.97
CA ASN C 147 27.64 28.69 -9.50
C ASN C 147 26.86 29.94 -9.82
N VAL C 148 25.87 29.81 -10.69
CA VAL C 148 25.00 30.93 -11.02
C VAL C 148 23.99 31.06 -9.90
N SER C 149 24.18 32.05 -9.03
CA SER C 149 23.22 32.33 -7.98
C SER C 149 22.26 33.40 -8.47
N GLN C 150 21.04 33.36 -7.94
CA GLN C 150 19.96 34.22 -8.41
C GLN C 150 20.28 35.69 -8.23
N SER C 151 19.41 36.55 -8.74
CA SER C 151 19.64 37.98 -8.71
C SER C 151 19.35 38.57 -7.35
N LYS C 152 20.16 39.53 -6.93
CA LYS C 152 19.91 40.26 -5.70
C LYS C 152 18.89 41.36 -5.88
N ASP C 153 17.99 41.23 -6.85
CA ASP C 153 17.07 42.29 -7.17
C ASP C 153 15.81 41.66 -7.74
N SER C 154 14.66 42.25 -7.43
CA SER C 154 13.46 41.92 -8.18
C SER C 154 13.57 42.55 -9.56
N ASP C 155 12.58 42.29 -10.40
CA ASP C 155 12.57 42.81 -11.77
C ASP C 155 13.80 42.41 -12.58
N VAL C 156 14.64 41.51 -12.07
CA VAL C 156 15.71 40.91 -12.86
C VAL C 156 15.63 39.41 -12.64
N TYR C 157 15.25 38.69 -13.70
CA TYR C 157 14.96 37.27 -13.61
C TYR C 157 16.12 36.48 -14.20
N ILE C 158 16.57 35.47 -13.48
CA ILE C 158 17.69 34.63 -13.89
C ILE C 158 17.27 33.19 -13.74
N THR C 159 17.45 32.39 -14.79
CA THR C 159 17.18 30.96 -14.76
C THR C 159 18.42 30.22 -15.22
N ASP C 160 18.69 29.05 -14.61
CA ASP C 160 19.96 28.44 -14.93
C ASP C 160 20.02 26.94 -14.74
N LYS C 161 18.88 26.30 -14.75
CA LYS C 161 18.83 24.87 -14.53
C LYS C 161 17.88 24.25 -15.51
N CYS C 162 18.24 24.29 -16.77
CA CYS C 162 17.33 23.85 -17.81
C CYS C 162 17.60 22.39 -18.11
N VAL C 163 16.53 21.61 -18.18
CA VAL C 163 16.64 20.21 -18.55
C VAL C 163 16.72 20.14 -20.08
N LEU C 164 17.86 19.71 -20.59
CA LEU C 164 18.02 19.48 -22.01
C LEU C 164 17.03 18.43 -22.48
N ASP C 165 16.32 18.74 -23.55
CA ASP C 165 15.37 17.82 -24.19
C ASP C 165 15.97 16.44 -24.32
N MET C 166 15.17 15.42 -23.99
CA MET C 166 15.72 14.07 -23.88
C MET C 166 16.25 13.55 -25.21
N ARG C 167 15.67 14.01 -26.31
CA ARG C 167 16.04 13.53 -27.62
C ARG C 167 17.15 14.34 -28.27
N SER C 168 17.62 15.42 -27.64
CA SER C 168 18.78 16.15 -28.12
C SER C 168 19.84 15.16 -28.54
N MET C 169 20.52 15.45 -29.64
CA MET C 169 21.62 14.63 -30.13
C MET C 169 22.88 15.42 -30.50
N ASP C 170 22.79 16.76 -30.70
CA ASP C 170 23.80 17.45 -31.50
C ASP C 170 24.24 18.82 -30.97
N PHE C 171 23.61 19.37 -29.92
CA PHE C 171 24.10 20.65 -29.39
C PHE C 171 23.83 20.88 -27.91
N LYS C 172 24.21 19.96 -27.04
CA LYS C 172 23.88 20.01 -25.62
C LYS C 172 24.74 20.96 -24.81
N SER C 173 24.12 21.98 -24.22
CA SER C 173 24.84 22.84 -23.29
C SER C 173 23.95 23.19 -22.10
N ASN C 174 24.30 24.25 -21.41
CA ASN C 174 23.60 24.59 -20.18
C ASN C 174 23.91 26.02 -19.82
N SER C 175 23.14 26.93 -20.39
CA SER C 175 23.39 28.33 -20.17
C SER C 175 22.40 28.93 -19.19
N ALA C 176 22.74 30.10 -18.72
CA ALA C 176 21.89 30.86 -17.82
C ALA C 176 21.34 32.07 -18.56
N VAL C 177 20.08 32.41 -18.32
CA VAL C 177 19.43 33.50 -19.05
C VAL C 177 18.91 34.49 -18.04
N ALA C 178 19.18 35.78 -18.27
CA ALA C 178 18.69 36.84 -17.39
C ALA C 178 18.01 37.92 -18.22
N TRP C 179 16.87 38.43 -17.73
CA TRP C 179 16.12 39.46 -18.43
C TRP C 179 15.54 40.44 -17.43
N SER C 180 15.17 41.62 -17.89
CA SER C 180 14.75 42.69 -16.99
C SER C 180 14.25 43.86 -17.80
N ASN C 181 13.91 44.95 -17.09
CA ASN C 181 13.47 46.19 -17.72
C ASN C 181 14.32 47.40 -17.30
N PHE C 185 19.66 48.09 -17.08
CA PHE C 185 20.03 46.68 -17.05
C PHE C 185 20.96 46.34 -18.20
N ALA C 186 22.20 46.02 -17.86
CA ALA C 186 23.17 45.61 -18.85
C ALA C 186 23.75 44.26 -18.47
N CYS C 187 24.32 43.57 -19.46
CA CYS C 187 24.85 42.23 -19.24
C CYS C 187 26.16 42.24 -18.48
N ALA C 188 26.85 43.38 -18.39
CA ALA C 188 28.10 43.40 -17.64
C ALA C 188 27.85 43.18 -16.15
N ASN C 189 26.79 43.79 -15.62
CA ASN C 189 26.43 43.70 -14.23
C ASN C 189 25.34 42.67 -13.95
N ALA C 190 24.82 42.01 -15.00
CA ALA C 190 23.66 41.17 -14.82
C ALA C 190 23.93 40.03 -13.86
N PHE C 191 25.12 39.46 -13.91
CA PHE C 191 25.49 38.36 -13.03
C PHE C 191 26.47 38.82 -11.95
N ASN C 192 26.35 40.07 -11.54
CA ASN C 192 27.17 40.61 -10.47
C ASN C 192 26.97 39.89 -9.14
N ASN C 193 25.90 39.11 -9.01
CA ASN C 193 25.58 38.42 -7.77
C ASN C 193 25.98 36.95 -7.79
N SER C 194 26.87 36.55 -8.68
CA SER C 194 27.28 35.15 -8.73
C SER C 194 28.78 35.06 -8.81
N ILE C 195 29.28 33.83 -8.75
CA ILE C 195 30.71 33.55 -8.75
C ILE C 195 31.09 33.26 -10.20
N ILE C 196 31.56 34.29 -10.89
CA ILE C 196 31.88 34.26 -12.31
C ILE C 196 33.37 33.98 -12.48
N PRO C 197 33.77 33.12 -13.42
CA PRO C 197 35.20 32.87 -13.62
C PRO C 197 35.93 34.14 -14.07
N GLU C 198 37.23 34.17 -13.77
CA GLU C 198 38.00 35.40 -13.99
C GLU C 198 38.08 35.74 -15.47
N ASP C 199 38.30 34.74 -16.32
CA ASP C 199 38.52 34.95 -17.75
C ASP C 199 37.22 35.04 -18.54
N THR C 200 36.18 35.60 -17.94
CA THR C 200 34.86 35.59 -18.58
C THR C 200 34.77 36.70 -19.60
N PHE C 201 34.29 36.36 -20.79
CA PHE C 201 34.41 37.19 -21.98
C PHE C 201 33.15 38.01 -22.16
N PHE C 202 33.26 39.32 -21.93
CA PHE C 202 32.18 40.26 -22.21
C PHE C 202 32.51 41.02 -23.48
N PRO C 203 31.80 40.81 -24.58
CA PRO C 203 31.97 41.73 -25.71
C PRO C 203 31.25 43.03 -25.45
N ALA D 1 -1.71 -0.02 -20.37
CA ALA D 1 -1.09 1.08 -19.67
C ALA D 1 -2.09 1.90 -18.86
N VAL D 2 -1.56 2.79 -18.04
CA VAL D 2 -2.35 3.60 -17.11
C VAL D 2 -2.44 5.01 -17.67
N THR D 3 -3.64 5.47 -17.96
CA THR D 3 -3.84 6.83 -18.43
C THR D 3 -4.81 7.55 -17.52
N GLN D 4 -4.66 8.86 -17.44
CA GLN D 4 -5.49 9.71 -16.62
C GLN D 4 -6.26 10.69 -17.50
N SER D 5 -7.29 11.28 -16.90
CA SER D 5 -8.11 12.24 -17.58
C SER D 5 -8.78 13.08 -16.52
N PRO D 6 -8.64 14.40 -16.60
CA PRO D 6 -7.97 15.16 -17.64
C PRO D 6 -6.49 15.33 -17.36
N ARG D 7 -5.75 15.82 -18.34
CA ARG D 7 -4.33 16.06 -18.16
C ARG D 7 -4.07 17.37 -17.45
N ASN D 8 -4.96 18.33 -17.60
CA ASN D 8 -4.86 19.62 -16.93
C ASN D 8 -6.27 20.13 -16.72
N LYS D 9 -6.47 20.90 -15.65
CA LYS D 9 -7.81 21.28 -15.27
C LYS D 9 -7.76 22.56 -14.47
N VAL D 10 -8.63 23.50 -14.79
CA VAL D 10 -8.81 24.72 -14.03
C VAL D 10 -10.18 24.67 -13.37
N ALA D 11 -10.25 25.10 -12.12
CA ALA D 11 -11.48 24.96 -11.37
C ALA D 11 -11.50 26.00 -10.28
N VAL D 12 -12.70 26.33 -9.84
CA VAL D 12 -12.89 27.38 -8.86
C VAL D 12 -13.20 26.74 -7.51
N THR D 13 -12.85 27.44 -6.45
CA THR D 13 -13.16 26.99 -5.11
C THR D 13 -14.64 26.69 -5.01
N GLY D 14 -14.98 25.47 -4.63
CA GLY D 14 -16.35 25.12 -4.37
C GLY D 14 -17.06 24.32 -5.43
N GLY D 15 -16.34 23.84 -6.44
CA GLY D 15 -16.93 23.03 -7.48
C GLY D 15 -16.49 21.58 -7.37
N LYS D 16 -17.06 20.77 -8.25
CA LYS D 16 -16.88 19.32 -8.21
C LYS D 16 -15.94 18.91 -9.33
N VAL D 17 -14.72 18.53 -8.95
CA VAL D 17 -13.71 18.05 -9.90
C VAL D 17 -13.66 16.54 -9.83
N THR D 18 -13.45 15.90 -10.98
CA THR D 18 -13.38 14.44 -11.04
C THR D 18 -12.20 14.02 -11.92
N LEU D 19 -11.05 13.83 -11.29
CA LEU D 19 -9.97 13.12 -11.95
C LEU D 19 -10.39 11.68 -12.14
N SER D 20 -9.86 11.04 -13.16
CA SER D 20 -10.28 9.68 -13.43
C SER D 20 -9.14 8.93 -14.07
N CYS D 21 -9.06 7.63 -13.78
CA CYS D 21 -7.92 6.83 -14.16
C CYS D 21 -8.39 5.54 -14.80
N ASN D 22 -7.72 5.16 -15.87
CA ASN D 22 -8.02 3.93 -16.57
C ASN D 22 -6.75 3.13 -16.70
N GLN D 23 -6.86 1.83 -16.56
CA GLN D 23 -5.70 0.96 -16.54
C GLN D 23 -6.03 -0.28 -17.34
N THR D 24 -5.08 -0.75 -18.14
CA THR D 24 -5.36 -1.89 -18.99
C THR D 24 -4.30 -2.98 -18.79
N ASN D 25 -3.70 -3.02 -17.60
CA ASN D 25 -2.71 -4.02 -17.26
C ASN D 25 -3.29 -5.29 -16.65
N ASN D 26 -4.61 -5.37 -16.48
CA ASN D 26 -5.26 -6.47 -15.76
C ASN D 26 -4.73 -6.54 -14.34
N HIS D 27 -4.39 -5.38 -13.80
CA HIS D 27 -4.00 -5.25 -12.42
C HIS D 27 -5.24 -5.15 -11.56
N ASN D 28 -5.05 -5.36 -10.27
CA ASN D 28 -6.15 -5.29 -9.32
C ASN D 28 -6.08 -4.07 -8.42
N ASN D 29 -4.88 -3.61 -8.09
CA ASN D 29 -4.75 -2.53 -7.13
C ASN D 29 -4.57 -1.22 -7.87
N MET D 30 -5.28 -0.18 -7.42
CA MET D 30 -5.19 1.11 -8.07
C MET D 30 -5.10 2.20 -7.03
N TYR D 31 -4.18 3.15 -7.21
CA TYR D 31 -3.86 4.15 -6.21
C TYR D 31 -4.00 5.56 -6.78
N TRP D 32 -4.26 6.53 -5.91
CA TRP D 32 -4.38 7.94 -6.28
C TRP D 32 -3.46 8.79 -5.44
N TYR D 33 -2.31 9.17 -5.99
CA TYR D 33 -1.31 10.00 -5.36
C TYR D 33 -1.44 11.46 -5.78
N ARG D 34 -0.82 12.32 -4.98
CA ARG D 34 -0.62 13.72 -5.31
C ARG D 34 0.79 14.11 -4.94
N GLN D 35 1.36 15.05 -5.70
CA GLN D 35 2.76 15.41 -5.60
C GLN D 35 2.87 16.91 -5.40
N ASP D 36 3.41 17.31 -4.26
CA ASP D 36 3.62 18.71 -3.95
C ASP D 36 5.03 18.84 -3.41
N THR D 37 5.65 19.98 -3.68
CA THR D 37 7.03 20.15 -3.23
C THR D 37 7.05 20.31 -1.71
N GLY D 38 8.14 19.85 -1.12
CA GLY D 38 8.24 19.75 0.32
C GLY D 38 7.56 18.53 0.92
N HIS D 39 6.80 17.77 0.12
CA HIS D 39 6.03 16.65 0.61
C HIS D 39 6.16 15.37 -0.21
N GLY D 40 6.91 15.39 -1.31
CA GLY D 40 7.03 14.14 -2.04
C GLY D 40 5.69 13.69 -2.60
N LEU D 41 5.58 12.38 -2.81
CA LEU D 41 4.33 11.77 -3.23
C LEU D 41 3.56 11.33 -2.00
N ARG D 42 2.25 11.56 -2.00
CA ARG D 42 1.39 11.25 -0.87
C ARG D 42 0.16 10.48 -1.35
N LEU D 43 -0.18 9.40 -0.65
CA LEU D 43 -1.29 8.54 -1.06
C LEU D 43 -2.59 9.09 -0.54
N ILE D 44 -3.61 9.13 -1.40
CA ILE D 44 -4.90 9.69 -1.03
C ILE D 44 -5.92 8.58 -0.84
N HIS D 45 -6.20 7.86 -1.90
CA HIS D 45 -7.05 6.70 -1.82
C HIS D 45 -6.45 5.60 -2.66
N TYR D 46 -6.88 4.38 -2.41
CA TYR D 46 -6.44 3.26 -3.21
C TYR D 46 -7.53 2.21 -3.14
N SER D 47 -7.30 1.08 -3.80
CA SER D 47 -8.37 0.14 -3.98
C SER D 47 -7.76 -1.19 -4.36
N TYR D 48 -8.41 -2.26 -3.90
CA TYR D 48 -7.99 -3.65 -4.09
C TYR D 48 -8.78 -4.38 -5.16
N GLY D 49 -9.91 -3.82 -5.57
CA GLY D 49 -10.72 -4.43 -6.60
C GLY D 49 -11.98 -3.61 -6.74
N ALA D 50 -12.78 -3.97 -7.73
CA ALA D 50 -14.00 -3.21 -7.98
C ALA D 50 -14.95 -3.32 -6.79
N GLY D 51 -15.56 -2.19 -6.42
CA GLY D 51 -16.46 -2.09 -5.31
C GLY D 51 -15.83 -1.58 -4.05
N SER D 52 -14.55 -1.84 -3.85
CA SER D 52 -13.83 -1.45 -2.65
C SER D 52 -12.94 -0.25 -2.92
N THR D 53 -12.82 0.63 -1.93
CA THR D 53 -11.78 1.65 -1.89
C THR D 53 -11.34 1.84 -0.45
N GLU D 54 -10.08 2.23 -0.27
CA GLU D 54 -9.45 2.34 1.04
C GLU D 54 -8.94 3.76 1.24
N LYS D 55 -9.00 4.23 2.48
CA LYS D 55 -8.53 5.55 2.79
C LYS D 55 -7.00 5.55 2.86
N GLY D 56 -6.36 6.39 2.06
CA GLY D 56 -4.92 6.49 2.09
C GLY D 56 -4.44 7.25 3.30
N ASP D 57 -3.39 8.05 3.15
CA ASP D 57 -2.89 8.87 4.24
C ASP D 57 -3.45 10.28 4.26
N ILE D 58 -3.94 10.79 3.13
CA ILE D 58 -4.49 12.13 3.04
C ILE D 58 -5.89 12.05 2.45
N PRO D 59 -6.84 11.36 3.09
CA PRO D 59 -8.14 11.18 2.45
C PRO D 59 -9.08 12.36 2.63
N ASP D 60 -8.67 13.41 3.33
CA ASP D 60 -9.55 14.53 3.58
C ASP D 60 -9.81 15.32 2.31
N GLY D 61 -11.09 15.57 2.01
CA GLY D 61 -11.49 16.36 0.88
C GLY D 61 -11.76 15.59 -0.39
N TYR D 62 -11.23 14.38 -0.52
CA TYR D 62 -11.39 13.57 -1.71
C TYR D 62 -12.24 12.35 -1.40
N LYS D 63 -13.08 11.96 -2.34
CA LYS D 63 -13.71 10.66 -2.38
C LYS D 63 -13.08 9.87 -3.52
N ALA D 64 -13.13 8.55 -3.44
CA ALA D 64 -12.67 7.70 -4.53
C ALA D 64 -13.77 6.76 -4.96
N SER D 65 -13.61 6.18 -6.15
CA SER D 65 -14.65 5.30 -6.67
C SER D 65 -14.03 4.33 -7.65
N ARG D 66 -14.14 3.03 -7.39
CA ARG D 66 -13.60 2.00 -8.24
C ARG D 66 -14.77 1.16 -8.74
N PRO D 67 -15.51 1.62 -9.74
CA PRO D 67 -16.65 0.85 -10.23
C PRO D 67 -16.23 -0.35 -11.03
N SER D 68 -15.01 -0.37 -11.55
CA SER D 68 -14.57 -1.41 -12.46
C SER D 68 -13.13 -1.76 -12.15
N GLN D 69 -12.75 -2.97 -12.53
CA GLN D 69 -11.36 -3.37 -12.36
C GLN D 69 -10.41 -2.38 -13.04
N GLU D 70 -10.89 -1.69 -14.08
CA GLU D 70 -10.06 -0.84 -14.92
C GLU D 70 -10.18 0.64 -14.60
N ASN D 71 -11.31 1.11 -14.10
CA ASN D 71 -11.47 2.50 -13.71
C ASN D 71 -11.21 2.69 -12.22
N PHE D 72 -10.71 3.88 -11.87
CA PHE D 72 -10.58 4.29 -10.49
C PHE D 72 -10.55 5.80 -10.50
N SER D 73 -11.40 6.45 -9.72
CA SER D 73 -11.72 7.85 -9.91
C SER D 73 -11.58 8.64 -8.63
N LEU D 74 -10.72 9.63 -8.64
CA LEU D 74 -10.66 10.62 -7.58
C LEU D 74 -11.73 11.67 -7.81
N ILE D 75 -12.36 12.13 -6.75
CA ILE D 75 -13.53 13.01 -6.84
C ILE D 75 -13.43 14.05 -5.74
N LEU D 76 -13.41 15.32 -6.13
CA LEU D 76 -13.37 16.42 -5.18
C LEU D 76 -14.72 17.12 -5.23
N GLU D 77 -15.44 17.12 -4.12
CA GLU D 77 -16.82 17.62 -4.17
C GLU D 77 -16.91 19.10 -3.80
N LEU D 78 -15.96 19.60 -3.01
CA LEU D 78 -15.86 21.02 -2.70
C LEU D 78 -14.37 21.34 -2.78
N ALA D 79 -13.91 21.65 -3.99
CA ALA D 79 -12.49 21.89 -4.23
C ALA D 79 -12.03 23.12 -3.46
N THR D 80 -10.80 23.09 -3.01
CA THR D 80 -10.18 24.18 -2.28
C THR D 80 -8.86 24.56 -2.92
N PRO D 81 -8.35 25.75 -2.64
CA PRO D 81 -7.02 26.10 -3.16
C PRO D 81 -5.93 25.19 -2.64
N SER D 82 -6.14 24.55 -1.48
CA SER D 82 -5.17 23.61 -0.97
C SER D 82 -5.15 22.31 -1.76
N GLN D 83 -6.11 22.11 -2.64
CA GLN D 83 -6.18 20.91 -3.46
C GLN D 83 -5.54 21.09 -4.83
N THR D 84 -4.92 22.24 -5.10
CA THR D 84 -4.17 22.35 -6.33
C THR D 84 -2.88 21.57 -6.20
N SER D 85 -2.56 20.80 -7.23
CA SER D 85 -1.42 19.88 -7.16
C SER D 85 -1.28 19.10 -8.46
N VAL D 86 -0.39 18.11 -8.47
CA VAL D 86 -0.21 17.22 -9.60
C VAL D 86 -0.58 15.84 -9.12
N TYR D 87 -1.60 15.25 -9.72
CA TYR D 87 -2.13 13.97 -9.27
C TYR D 87 -1.65 12.88 -10.20
N PHE D 88 -1.20 11.78 -9.61
CA PHE D 88 -0.81 10.61 -10.40
C PHE D 88 -1.62 9.43 -9.93
N CYS D 89 -2.08 8.62 -10.89
CA CYS D 89 -2.73 7.35 -10.65
C CYS D 89 -1.70 6.25 -10.79
N ALA D 90 -1.96 5.11 -10.17
CA ALA D 90 -1.08 3.97 -10.28
C ALA D 90 -1.90 2.70 -10.26
N SER D 91 -1.28 1.61 -10.66
CA SER D 91 -1.86 0.29 -10.52
C SER D 91 -0.76 -0.71 -10.21
N GLY D 92 -1.17 -1.90 -9.81
CA GLY D 92 -0.25 -2.99 -9.59
C GLY D 92 -1.00 -4.29 -9.37
N ASP D 93 -0.29 -5.39 -9.59
CA ASP D 93 -0.85 -6.70 -9.31
C ASP D 93 -0.96 -6.92 -7.81
N PHE D 94 -1.65 -8.00 -7.44
CA PHE D 94 -1.60 -8.48 -6.07
C PHE D 94 -0.17 -8.82 -5.69
N TRP D 95 0.29 -8.27 -4.57
CA TRP D 95 1.62 -8.54 -4.02
C TRP D 95 2.73 -8.13 -4.97
N GLY D 96 2.46 -7.17 -5.84
CA GLY D 96 3.40 -6.86 -6.89
C GLY D 96 4.56 -6.02 -6.41
N ASP D 97 5.72 -6.22 -7.02
CA ASP D 97 6.91 -5.46 -6.69
C ASP D 97 6.98 -4.11 -7.39
N THR D 98 6.03 -3.78 -8.26
CA THR D 98 6.11 -2.60 -9.09
C THR D 98 4.81 -1.82 -9.08
N LEU D 99 4.92 -0.51 -8.99
CA LEU D 99 3.81 0.40 -9.26
C LEU D 99 3.97 0.98 -10.65
N TYR D 100 2.85 1.18 -11.34
CA TYR D 100 2.87 1.69 -12.71
C TYR D 100 2.06 2.97 -12.77
N PHE D 101 2.72 4.09 -12.99
CA PHE D 101 2.10 5.39 -12.83
C PHE D 101 1.56 5.92 -14.15
N GLY D 102 0.75 6.97 -14.05
CA GLY D 102 0.26 7.67 -15.20
C GLY D 102 1.09 8.90 -15.49
N ALA D 103 0.70 9.61 -16.54
CA ALA D 103 1.50 10.73 -16.99
C ALA D 103 1.28 11.97 -16.12
N GLY D 104 0.12 12.08 -15.49
CA GLY D 104 -0.04 13.17 -14.54
C GLY D 104 -1.23 14.05 -14.81
N THR D 105 -1.73 14.73 -13.79
CA THR D 105 -2.83 15.67 -13.94
C THR D 105 -2.53 16.91 -13.13
N ARG D 106 -2.29 18.03 -13.81
CA ARG D 106 -2.10 19.29 -13.11
C ARG D 106 -3.45 19.90 -12.81
N LEU D 107 -3.69 20.25 -11.56
CA LEU D 107 -4.97 20.80 -11.15
C LEU D 107 -4.74 22.12 -10.42
N SER D 108 -5.38 23.16 -10.91
CA SER D 108 -5.40 24.46 -10.25
C SER D 108 -6.80 24.73 -9.74
N VAL D 109 -6.91 25.06 -8.47
CA VAL D 109 -8.16 25.50 -7.86
C VAL D 109 -7.97 26.94 -7.47
N LEU D 110 -8.79 27.83 -8.04
CA LEU D 110 -8.58 29.27 -7.93
C LEU D 110 -9.73 29.92 -7.20
N GLU D 111 -9.42 30.90 -6.37
CA GLU D 111 -10.47 31.65 -5.69
C GLU D 111 -11.33 32.43 -6.69
N ASP D 112 -10.74 32.86 -7.80
CA ASP D 112 -11.44 33.64 -8.82
C ASP D 112 -10.77 33.39 -10.16
N LEU D 113 -11.57 33.41 -11.21
CA LEU D 113 -11.02 33.24 -12.55
C LEU D 113 -10.46 34.53 -13.16
N LYS D 114 -10.23 35.57 -12.36
CA LYS D 114 -9.73 36.82 -12.92
C LYS D 114 -8.23 36.80 -13.10
N ASN D 115 -7.51 35.97 -12.34
CA ASN D 115 -6.06 35.91 -12.44
C ASN D 115 -5.59 34.91 -13.48
N VAL D 116 -6.49 34.39 -14.32
CA VAL D 116 -6.15 33.40 -15.32
C VAL D 116 -5.76 34.12 -16.60
N PHE D 117 -4.46 34.12 -16.92
CA PHE D 117 -3.92 34.81 -18.07
C PHE D 117 -3.16 33.85 -18.97
N PRO D 118 -3.13 34.12 -20.26
CA PRO D 118 -2.32 33.32 -21.16
C PRO D 118 -0.90 33.86 -21.22
N PRO D 119 0.02 33.16 -21.88
CA PRO D 119 1.39 33.65 -21.97
C PRO D 119 1.60 34.62 -23.11
N GLU D 120 2.51 35.56 -22.88
CA GLU D 120 3.06 36.42 -23.92
C GLU D 120 4.44 35.88 -24.26
N VAL D 121 4.64 35.53 -25.53
CA VAL D 121 5.87 34.86 -25.98
C VAL D 121 6.74 35.83 -26.77
N ALA D 122 8.04 35.56 -26.78
CA ALA D 122 8.98 36.33 -27.59
C ALA D 122 10.21 35.48 -27.88
N VAL D 123 10.76 35.66 -29.07
CA VAL D 123 12.01 35.03 -29.47
C VAL D 123 13.08 36.11 -29.54
N PHE D 124 14.26 35.78 -29.04
CA PHE D 124 15.41 36.67 -29.07
C PHE D 124 16.49 36.01 -29.89
N GLU D 125 17.01 36.75 -30.91
CA GLU D 125 17.94 36.26 -31.91
C GLU D 125 19.34 36.21 -31.34
N PRO D 126 20.18 35.30 -31.82
CA PRO D 126 21.53 35.17 -31.28
C PRO D 126 22.33 36.45 -31.44
N SER D 127 23.37 36.59 -30.62
CA SER D 127 24.25 37.73 -30.76
C SER D 127 25.24 37.49 -31.88
N GLU D 128 25.72 38.59 -32.46
CA GLU D 128 26.80 38.48 -33.43
C GLU D 128 28.10 38.10 -32.74
N ALA D 129 28.31 38.60 -31.53
CA ALA D 129 29.50 38.27 -30.77
C ALA D 129 29.57 36.78 -30.44
N GLU D 130 28.43 36.18 -30.12
CA GLU D 130 28.45 34.74 -29.91
C GLU D 130 28.72 34.00 -31.20
N ILE D 131 28.16 34.49 -32.30
CA ILE D 131 28.38 33.82 -33.57
C ILE D 131 29.85 33.82 -33.93
N SER D 132 30.43 35.00 -34.06
CA SER D 132 31.83 35.07 -34.47
C SER D 132 32.75 34.46 -33.43
N HIS D 133 32.36 34.46 -32.17
CA HIS D 133 33.23 33.95 -31.11
C HIS D 133 33.09 32.46 -30.85
N THR D 134 32.06 31.82 -31.37
CA THR D 134 31.89 30.39 -31.17
C THR D 134 31.57 29.63 -32.43
N GLN D 135 31.27 30.31 -33.54
CA GLN D 135 30.65 29.69 -34.71
C GLN D 135 29.43 28.86 -34.30
N LYS D 136 28.77 29.31 -33.22
CA LYS D 136 27.51 28.78 -32.72
C LYS D 136 26.57 29.95 -32.45
N ALA D 137 25.27 29.67 -32.46
CA ALA D 137 24.26 30.71 -32.35
C ALA D 137 23.09 30.21 -31.53
N THR D 138 22.68 30.99 -30.54
CA THR D 138 21.72 30.58 -29.52
C THR D 138 20.52 31.52 -29.50
N LEU D 139 19.36 31.01 -29.85
CA LEU D 139 18.12 31.76 -29.70
C LEU D 139 17.51 31.50 -28.32
N VAL D 140 16.85 32.51 -27.77
CA VAL D 140 16.28 32.41 -26.43
C VAL D 140 14.81 32.78 -26.49
N CYS D 141 13.95 31.87 -26.08
CA CYS D 141 12.51 32.12 -26.01
C CYS D 141 12.08 32.43 -24.59
N LEU D 142 11.27 33.46 -24.43
CA LEU D 142 10.69 33.79 -23.14
C LEU D 142 9.19 33.80 -23.24
N ALA D 143 8.53 33.04 -22.37
CA ALA D 143 7.10 33.12 -22.17
C ALA D 143 6.84 33.78 -20.83
N THR D 144 5.96 34.77 -20.79
CA THR D 144 5.83 35.59 -19.60
C THR D 144 4.37 35.86 -19.29
N GLY D 145 4.11 36.14 -18.02
CA GLY D 145 2.81 36.61 -17.59
C GLY D 145 1.65 35.66 -17.78
N PHE D 146 1.86 34.36 -17.55
CA PHE D 146 0.76 33.42 -17.64
C PHE D 146 0.43 32.89 -16.24
N TYR D 147 -0.81 32.40 -16.12
CA TYR D 147 -1.31 31.81 -14.89
C TYR D 147 -2.45 30.85 -15.21
N PRO D 148 -2.36 29.60 -14.75
CA PRO D 148 -1.35 29.04 -13.86
C PRO D 148 -0.19 28.41 -14.62
N ASP D 149 0.71 27.74 -13.90
CA ASP D 149 1.94 27.21 -14.48
C ASP D 149 1.74 25.95 -15.30
N HIS D 150 0.65 25.85 -16.04
CA HIS D 150 0.41 24.71 -16.92
C HIS D 150 0.76 25.14 -18.34
N VAL D 151 2.05 25.06 -18.70
CA VAL D 151 2.48 25.34 -20.07
C VAL D 151 3.52 24.32 -20.49
N GLU D 152 3.62 24.10 -21.80
CA GLU D 152 4.61 23.21 -22.38
C GLU D 152 5.20 23.88 -23.61
N LEU D 153 6.53 23.99 -23.65
CA LEU D 153 7.23 24.72 -24.70
C LEU D 153 7.81 23.78 -25.73
N SER D 154 7.98 24.28 -26.94
CA SER D 154 8.54 23.48 -28.02
C SER D 154 9.15 24.41 -29.04
N TRP D 155 10.30 24.01 -29.61
CA TRP D 155 10.96 24.74 -30.67
C TRP D 155 10.68 24.06 -31.99
N TRP D 156 10.38 24.86 -33.01
CA TRP D 156 10.06 24.39 -34.35
C TRP D 156 11.00 25.04 -35.36
N VAL D 157 11.62 24.24 -36.21
CA VAL D 157 12.60 24.73 -37.17
C VAL D 157 12.24 24.22 -38.56
N ASN D 158 11.72 25.11 -39.40
CA ASN D 158 11.35 24.78 -40.78
C ASN D 158 10.26 23.72 -40.79
N GLY D 159 9.13 24.05 -40.17
CA GLY D 159 7.91 23.27 -40.29
C GLY D 159 7.83 22.04 -39.41
N LYS D 160 8.93 21.61 -38.82
CA LYS D 160 8.99 20.41 -38.00
C LYS D 160 9.41 20.77 -36.59
N GLU D 161 9.10 19.90 -35.64
CA GLU D 161 9.52 20.13 -34.27
C GLU D 161 10.94 19.62 -34.09
N VAL D 162 11.69 20.31 -33.23
CA VAL D 162 13.13 20.13 -33.11
C VAL D 162 13.48 19.84 -31.67
N HIS D 163 14.45 18.97 -31.46
CA HIS D 163 14.88 18.57 -30.13
C HIS D 163 16.34 18.87 -29.87
N SER D 164 17.24 18.54 -30.80
CA SER D 164 18.66 18.81 -30.59
C SER D 164 18.91 20.29 -30.40
N GLY D 165 19.68 20.63 -29.38
CA GLY D 165 20.05 21.99 -29.11
C GLY D 165 19.12 22.75 -28.20
N VAL D 166 18.06 22.12 -27.72
CA VAL D 166 17.06 22.74 -26.88
C VAL D 166 17.37 22.45 -25.42
N CYS D 167 17.29 23.47 -24.56
CA CYS D 167 17.09 23.21 -23.15
C CYS D 167 16.03 24.17 -22.63
N THR D 168 15.05 23.61 -21.97
CA THR D 168 13.91 24.33 -21.43
C THR D 168 13.98 24.29 -19.91
N ASP D 169 13.58 25.38 -19.28
CA ASP D 169 13.41 25.40 -17.84
C ASP D 169 12.58 24.19 -17.43
N PRO D 170 12.80 23.63 -16.25
CA PRO D 170 12.05 22.46 -15.83
C PRO D 170 10.75 22.82 -15.15
N GLN D 171 10.70 24.01 -14.55
CA GLN D 171 9.53 24.54 -13.87
C GLN D 171 9.48 26.06 -14.04
N PRO D 172 8.29 26.62 -14.19
CA PRO D 172 8.19 28.08 -14.31
C PRO D 172 8.56 28.80 -13.03
N LEU D 173 9.14 29.98 -13.19
CA LEU D 173 9.41 30.87 -12.07
C LEU D 173 8.26 31.83 -11.89
N LYS D 174 8.28 32.57 -10.79
CA LYS D 174 7.20 33.49 -10.44
C LYS D 174 7.63 34.91 -10.70
N GLU D 175 6.84 35.65 -11.48
CA GLU D 175 7.20 37.01 -11.84
C GLU D 175 7.26 37.92 -10.62
N GLN D 176 6.32 37.77 -9.71
CA GLN D 176 6.28 38.56 -8.47
C GLN D 176 6.23 37.62 -7.29
N PRO D 177 7.38 37.07 -6.86
CA PRO D 177 7.37 36.05 -5.81
C PRO D 177 6.75 36.48 -4.50
N ALA D 178 6.39 37.75 -4.35
CA ALA D 178 5.80 38.21 -3.11
C ALA D 178 4.31 37.89 -3.05
N LEU D 179 3.59 38.17 -4.13
CA LEU D 179 2.16 37.93 -4.17
C LEU D 179 1.86 36.44 -4.13
N ASN D 180 0.60 36.12 -3.81
CA ASN D 180 0.11 34.75 -3.88
C ASN D 180 -0.49 34.43 -5.25
N ASP D 181 -0.91 35.45 -5.99
CA ASP D 181 -1.47 35.26 -7.32
C ASP D 181 -0.47 35.58 -8.42
N SER D 182 0.83 35.51 -8.11
CA SER D 182 1.86 35.89 -9.06
C SER D 182 1.73 35.11 -10.35
N ARG D 183 2.12 35.75 -11.45
CA ARG D 183 2.14 35.09 -12.75
C ARG D 183 3.53 34.57 -13.00
N TYR D 184 3.65 33.70 -13.98
CA TYR D 184 4.87 32.93 -14.17
C TYR D 184 5.54 33.27 -15.49
N ALA D 185 6.77 32.79 -15.64
CA ALA D 185 7.54 32.89 -16.86
C ALA D 185 8.33 31.61 -17.06
N LEU D 186 8.42 31.17 -18.31
CA LEU D 186 9.30 30.09 -18.70
C LEU D 186 10.35 30.63 -19.64
N SER D 187 11.54 30.04 -19.62
CA SER D 187 12.60 30.37 -20.56
C SER D 187 13.08 29.11 -21.26
N SER D 188 13.53 29.27 -22.50
CA SER D 188 14.10 28.14 -23.24
C SER D 188 15.21 28.62 -24.16
N ARG D 189 16.07 27.68 -24.57
CA ARG D 189 17.23 28.00 -25.37
C ARG D 189 17.33 27.00 -26.50
N LEU D 190 17.55 27.49 -27.71
CA LEU D 190 17.81 26.65 -28.87
C LEU D 190 19.16 27.05 -29.43
N ARG D 191 20.11 26.12 -29.48
CA ARG D 191 21.42 26.42 -30.01
C ARG D 191 21.61 25.68 -31.32
N VAL D 192 21.88 26.42 -32.38
CA VAL D 192 22.17 25.89 -33.70
C VAL D 192 23.57 26.33 -34.08
N SER D 193 24.06 25.79 -35.20
CA SER D 193 25.33 26.24 -35.76
C SER D 193 25.19 27.63 -36.35
N ALA D 194 26.32 28.31 -36.48
CA ALA D 194 26.25 29.67 -36.98
C ALA D 194 25.93 29.69 -38.47
N THR D 195 26.51 28.75 -39.22
CA THR D 195 26.22 28.72 -40.65
C THR D 195 24.75 28.43 -40.89
N PHE D 196 24.10 27.71 -39.99
CA PHE D 196 22.67 27.42 -40.14
C PHE D 196 21.83 28.64 -39.83
N TRP D 197 22.26 29.47 -38.90
CA TRP D 197 21.47 30.65 -38.57
C TRP D 197 21.61 31.73 -39.62
N GLN D 198 22.78 31.82 -40.25
CA GLN D 198 23.06 32.84 -41.24
C GLN D 198 22.45 32.53 -42.59
N ASN D 199 21.49 31.63 -42.63
CA ASN D 199 20.76 31.29 -43.84
C ASN D 199 19.37 31.85 -43.73
N PRO D 200 19.05 32.95 -44.42
CA PRO D 200 17.76 33.60 -44.19
C PRO D 200 16.57 32.82 -44.74
N ARG D 201 16.81 31.60 -45.23
CA ARG D 201 15.71 30.73 -45.61
C ARG D 201 15.15 29.95 -44.42
N ASN D 202 15.97 29.73 -43.40
CA ASN D 202 15.55 28.99 -42.23
C ASN D 202 14.73 29.87 -41.30
N HIS D 203 13.55 29.39 -40.91
CA HIS D 203 12.78 30.07 -39.88
C HIS D 203 12.73 29.21 -38.62
N PHE D 204 12.70 29.92 -37.49
CA PHE D 204 12.73 29.35 -36.16
C PHE D 204 11.51 29.87 -35.41
N ARG D 205 10.85 28.99 -34.70
CA ARG D 205 9.56 29.33 -34.10
C ARG D 205 9.48 28.76 -32.71
N CYS D 206 9.09 29.59 -31.76
CA CYS D 206 8.89 29.18 -30.38
C CYS D 206 7.40 29.05 -30.12
N GLN D 207 6.96 27.83 -29.82
CA GLN D 207 5.55 27.51 -29.61
C GLN D 207 5.34 27.18 -28.16
N VAL D 208 4.30 27.74 -27.55
CA VAL D 208 3.98 27.59 -26.14
C VAL D 208 2.55 27.11 -26.00
N GLN D 209 2.37 25.87 -25.58
CA GLN D 209 1.06 25.32 -25.29
C GLN D 209 0.61 25.75 -23.91
N PHE D 210 -0.46 26.52 -23.85
CA PHE D 210 -1.02 26.98 -22.59
C PHE D 210 -2.34 26.29 -22.36
N TYR D 211 -2.53 25.77 -21.16
CA TYR D 211 -3.74 25.09 -20.77
C TYR D 211 -4.52 25.98 -19.81
N GLY D 212 -5.76 26.25 -20.15
CA GLY D 212 -6.60 27.14 -19.35
C GLY D 212 -8.04 26.72 -19.43
N LEU D 213 -8.93 27.70 -19.55
CA LEU D 213 -10.36 27.44 -19.48
C LEU D 213 -10.82 26.60 -20.67
N SER D 214 -12.08 26.19 -20.63
CA SER D 214 -12.60 25.22 -21.58
C SER D 214 -13.77 25.81 -22.34
N GLU D 215 -14.15 25.11 -23.41
CA GLU D 215 -15.26 25.56 -24.24
C GLU D 215 -16.57 25.68 -23.46
N ASN D 216 -16.69 24.95 -22.36
CA ASN D 216 -17.90 24.96 -21.55
C ASN D 216 -17.81 25.89 -20.35
N ASP D 217 -16.67 26.52 -20.12
CA ASP D 217 -16.55 27.47 -19.03
C ASP D 217 -17.11 28.83 -19.46
N GLU D 218 -17.28 29.71 -18.50
CA GLU D 218 -17.89 31.01 -18.75
C GLU D 218 -16.98 32.13 -18.29
N TRP D 219 -17.06 33.27 -18.97
CA TRP D 219 -16.11 34.36 -18.80
C TRP D 219 -16.86 35.65 -18.52
N THR D 220 -16.59 36.27 -17.37
CA THR D 220 -17.27 37.47 -16.90
C THR D 220 -16.38 38.70 -16.97
N GLN D 221 -15.61 38.85 -18.05
CA GLN D 221 -14.79 40.04 -18.28
C GLN D 221 -14.68 40.27 -19.78
N ASP D 222 -14.20 41.46 -20.14
CA ASP D 222 -14.15 41.86 -21.55
C ASP D 222 -12.93 41.28 -22.26
N ARG D 223 -11.79 41.18 -21.56
CA ARG D 223 -10.61 40.58 -22.13
C ARG D 223 -10.90 39.16 -22.59
N ALA D 224 -10.33 38.77 -23.73
CA ALA D 224 -10.64 37.48 -24.33
C ALA D 224 -10.38 36.35 -23.34
N LYS D 225 -11.28 35.37 -23.35
CA LYS D 225 -11.23 34.31 -22.35
C LYS D 225 -9.99 33.45 -22.54
N PRO D 226 -9.15 33.30 -21.52
CA PRO D 226 -7.93 32.50 -21.68
C PRO D 226 -8.18 31.02 -21.87
N VAL D 227 -8.67 30.64 -23.05
CA VAL D 227 -8.88 29.25 -23.41
C VAL D 227 -7.55 28.50 -23.45
N THR D 228 -7.58 27.22 -23.75
CA THR D 228 -6.36 26.48 -24.07
C THR D 228 -5.93 26.83 -25.48
N GLN D 229 -4.66 27.16 -25.65
CA GLN D 229 -4.25 27.76 -26.91
C GLN D 229 -2.77 27.54 -27.17
N ILE D 230 -2.38 27.85 -28.39
CA ILE D 230 -0.98 27.85 -28.84
C ILE D 230 -0.57 29.30 -29.00
N VAL D 231 0.57 29.67 -28.44
CA VAL D 231 1.11 31.00 -28.59
C VAL D 231 2.51 30.91 -29.15
N SER D 232 2.78 31.60 -30.24
CA SER D 232 4.05 31.50 -30.91
C SER D 232 4.73 32.86 -30.99
N ALA D 233 6.06 32.82 -31.04
CA ALA D 233 6.84 33.93 -31.56
C ALA D 233 7.82 33.37 -32.58
N GLU D 234 8.25 34.19 -33.52
CA GLU D 234 9.04 33.69 -34.65
C GLU D 234 10.27 34.54 -34.88
N ALA D 235 11.22 33.96 -35.60
CA ALA D 235 12.43 34.64 -36.00
C ALA D 235 12.95 33.98 -37.26
N TRP D 236 13.59 34.76 -38.13
CA TRP D 236 14.20 34.28 -39.35
C TRP D 236 15.71 34.43 -39.27
N GLY D 237 16.43 33.58 -39.99
CA GLY D 237 17.88 33.71 -40.03
C GLY D 237 18.30 35.02 -40.68
N ARG D 238 19.30 35.66 -40.11
CA ARG D 238 19.80 36.93 -40.60
C ARG D 238 21.16 36.74 -41.27
N ALA D 239 21.70 37.83 -41.79
CA ALA D 239 22.92 37.83 -42.61
C ALA D 239 24.11 37.22 -41.88
#